data_8HT4
#
_entry.id   8HT4
#
_cell.length_a   109.284
_cell.length_b   119.023
_cell.length_c   55.017
_cell.angle_alpha   90.000
_cell.angle_beta   90.000
_cell.angle_gamma   90.000
#
_symmetry.space_group_name_H-M   'P 21 21 2'
#
loop_
_entity.id
_entity.type
_entity.pdbx_description
1 polymer 'Acetylornithine aminotransferase'
2 non-polymer "PYRIDOXAL-5'-PHOSPHATE"
3 water water
#
_entity_poly.entity_id   1
_entity_poly.type   'polypeptide(L)'
_entity_poly.pdbx_seq_one_letter_code
;MSTLETWPQVIINTYGTPPVELVSGKGATVTDDQGNVYIDLLAGIAVNALGHAHPAIIEAVTNQIGQLGHVSNLFASRPV
VEVAEELIKRFSLDDATLAAQTRVFFCNSGAEANEAAFKIARLTGRSRILAAVHGFHGRTMGSLALTGQPDKREAFLPMP
SGVEFYPYGDTDYLRKMVETNPTDVAAIFLEPIQGETGVVPAPEGFLKAVRELCDEYGILMITDEVQTGVGRTGDFFAHQ
HDGVVPDVVTMAKGLGGGLPIGACLATGRAAELMTPGKHGTTFGGNPVACAAAKAVLSVVDDAFCAEVARKGELFKELLA
KVDGVVDVRGRGLMLGVVLERDVAKQAVLDGFKHGVILNAPADNIIRLTPPLVITDEEIADAVKAIAETIALEHHHHHH
;
_entity_poly.pdbx_strand_id   A,B
#
loop_
_chem_comp.id
_chem_comp.type
_chem_comp.name
_chem_comp.formula
PLP non-polymer PYRIDOXAL-5'-PHOSPHATE 'C8 H10 N O6 P'
#
# COMPACT_ATOMS: atom_id res chain seq x y z
N THR A 3 8.28 4.86 -23.95
CA THR A 3 7.48 4.26 -22.84
C THR A 3 7.80 2.77 -22.74
N LEU A 4 7.23 1.95 -23.62
CA LEU A 4 7.57 0.50 -23.75
C LEU A 4 9.08 0.29 -23.99
N GLU A 5 9.74 1.14 -24.76
CA GLU A 5 11.20 1.05 -25.07
C GLU A 5 12.02 1.27 -23.78
N THR A 6 11.57 2.19 -22.93
CA THR A 6 12.30 2.63 -21.71
C THR A 6 11.72 1.91 -20.49
N TRP A 7 10.64 1.14 -20.66
CA TRP A 7 9.99 0.33 -19.58
C TRP A 7 10.95 -0.75 -19.09
N PRO A 8 11.52 -1.63 -19.96
CA PRO A 8 12.41 -2.69 -19.49
C PRO A 8 13.81 -2.24 -19.01
N GLN A 9 14.23 -1.00 -19.31
CA GLN A 9 15.55 -0.44 -18.87
C GLN A 9 15.45 0.07 -17.42
N VAL A 10 14.23 0.22 -16.87
CA VAL A 10 13.99 0.92 -15.57
C VAL A 10 13.05 0.12 -14.62
N ILE A 11 12.16 -0.73 -15.15
CA ILE A 11 11.15 -1.43 -14.31
C ILE A 11 11.70 -2.82 -14.01
N ILE A 12 11.71 -3.23 -12.73
CA ILE A 12 12.14 -4.61 -12.33
C ILE A 12 11.24 -5.61 -13.08
N ASN A 13 11.87 -6.63 -13.67
CA ASN A 13 11.22 -7.57 -14.62
C ASN A 13 10.41 -8.59 -13.81
N THR A 14 9.29 -8.11 -13.27
CA THR A 14 8.41 -8.83 -12.33
C THR A 14 7.10 -9.17 -13.07
N TYR A 15 6.84 -8.46 -14.18
CA TYR A 15 5.58 -8.54 -14.97
C TYR A 15 5.88 -8.83 -16.46
N GLY A 16 7.13 -9.09 -16.82
CA GLY A 16 7.63 -8.97 -18.21
C GLY A 16 7.47 -7.54 -18.68
N THR A 17 7.53 -7.33 -20.01
CA THR A 17 7.27 -6.04 -20.69
C THR A 17 5.82 -6.07 -21.19
N PRO A 18 4.97 -5.13 -20.75
CA PRO A 18 3.61 -5.02 -21.28
C PRO A 18 3.57 -4.89 -22.79
N PRO A 19 2.60 -5.54 -23.48
CA PRO A 19 2.52 -5.48 -24.95
C PRO A 19 1.93 -4.15 -25.46
N VAL A 20 1.07 -3.52 -24.64
CA VAL A 20 0.34 -2.26 -24.97
C VAL A 20 0.67 -1.20 -23.93
N GLU A 21 0.78 0.07 -24.37
CA GLU A 21 0.78 1.27 -23.48
C GLU A 21 -0.59 1.94 -23.59
N LEU A 22 -1.32 2.09 -22.47
CA LEU A 22 -2.57 2.90 -22.39
C LEU A 22 -2.23 4.33 -21.98
N VAL A 23 -2.96 5.32 -22.51
CA VAL A 23 -2.75 6.79 -22.36
C VAL A 23 -4.01 7.45 -21.80
N SER A 24 -5.19 6.97 -22.18
CA SER A 24 -6.52 7.57 -21.84
C SER A 24 -7.55 6.45 -21.72
N GLY A 25 -8.73 6.80 -21.20
CA GLY A 25 -9.89 5.88 -21.09
C GLY A 25 -11.15 6.62 -20.71
N LYS A 26 -12.32 5.98 -20.85
CA LYS A 26 -13.63 6.61 -20.57
C LYS A 26 -14.71 5.53 -20.55
N GLY A 27 -15.52 5.50 -19.48
CA GLY A 27 -16.51 4.45 -19.19
C GLY A 27 -15.85 3.09 -19.28
N ALA A 28 -16.41 2.16 -20.07
CA ALA A 28 -15.90 0.78 -20.25
C ALA A 28 -15.01 0.64 -21.51
N THR A 29 -14.35 1.72 -21.91
CA THR A 29 -13.42 1.79 -23.07
C THR A 29 -12.08 2.38 -22.61
N VAL A 30 -11.01 2.05 -23.33
CA VAL A 30 -9.63 2.55 -23.07
C VAL A 30 -8.90 2.65 -24.41
N THR A 31 -7.98 3.63 -24.51
CA THR A 31 -7.25 3.92 -25.76
C THR A 31 -5.74 3.77 -25.53
N ASP A 32 -5.05 3.22 -26.52
CA ASP A 32 -3.59 3.00 -26.43
C ASP A 32 -2.76 4.14 -27.04
N ASP A 33 -1.45 3.97 -27.11
CA ASP A 33 -0.50 4.98 -27.63
C ASP A 33 -0.56 5.13 -29.16
N GLN A 34 -1.46 4.41 -29.83
CA GLN A 34 -1.62 4.52 -31.30
C GLN A 34 -3.02 5.03 -31.64
N GLY A 35 -3.90 5.15 -30.64
CA GLY A 35 -5.25 5.69 -30.87
C GLY A 35 -6.27 4.59 -31.04
N ASN A 36 -5.86 3.36 -30.79
CA ASN A 36 -6.78 2.18 -30.86
C ASN A 36 -7.70 2.21 -29.65
N VAL A 37 -9.02 2.12 -29.84
CA VAL A 37 -10.04 2.08 -28.72
C VAL A 37 -10.57 0.63 -28.55
N TYR A 38 -10.38 0.06 -27.37
CA TYR A 38 -10.85 -1.30 -26.99
C TYR A 38 -11.97 -1.17 -25.97
N ILE A 39 -12.92 -2.10 -25.95
CA ILE A 39 -13.85 -2.31 -24.80
C ILE A 39 -13.05 -3.04 -23.70
N ASP A 40 -13.00 -2.46 -22.49
CA ASP A 40 -12.23 -2.98 -21.32
C ASP A 40 -13.11 -4.00 -20.57
N LEU A 41 -12.75 -5.28 -20.63
CA LEU A 41 -13.50 -6.30 -19.85
C LEU A 41 -12.63 -6.81 -18.70
N LEU A 42 -11.61 -6.06 -18.30
CA LEU A 42 -10.70 -6.45 -17.20
C LEU A 42 -10.71 -5.43 -16.06
N ALA A 43 -10.81 -4.12 -16.34
CA ALA A 43 -10.83 -3.01 -15.36
C ALA A 43 -9.55 -2.97 -14.52
N GLY A 44 -8.40 -3.19 -15.14
CA GLY A 44 -7.13 -3.27 -14.39
C GLY A 44 -7.22 -4.37 -13.37
N ILE A 45 -7.88 -5.48 -13.70
CA ILE A 45 -8.16 -6.60 -12.76
C ILE A 45 -9.19 -6.14 -11.73
N ALA A 46 -10.39 -5.76 -12.17
CA ALA A 46 -11.53 -5.41 -11.29
C ALA A 46 -11.28 -4.22 -10.34
N VAL A 47 -10.50 -3.23 -10.74
CA VAL A 47 -10.17 -2.02 -9.91
C VAL A 47 -11.02 -0.83 -10.39
N ASN A 48 -11.21 -0.69 -11.70
CA ASN A 48 -11.91 0.49 -12.26
C ASN A 48 -13.41 0.25 -12.29
N ALA A 49 -14.06 0.34 -11.13
CA ALA A 49 -15.50 0.11 -10.95
C ALA A 49 -16.31 1.08 -11.81
N LEU A 50 -15.88 2.33 -11.93
CA LEU A 50 -16.61 3.39 -12.66
C LEU A 50 -15.91 3.73 -13.98
N GLY A 51 -14.96 2.91 -14.43
CA GLY A 51 -14.19 3.22 -15.64
C GLY A 51 -13.21 4.36 -15.41
N HIS A 52 -12.51 4.77 -16.46
CA HIS A 52 -11.55 5.90 -16.42
C HIS A 52 -12.28 7.23 -16.55
N ALA A 53 -11.74 8.29 -15.96
CA ALA A 53 -12.30 9.65 -16.01
C ALA A 53 -13.83 9.63 -15.77
N HIS A 54 -14.31 9.01 -14.70
CA HIS A 54 -15.72 9.18 -14.25
C HIS A 54 -15.84 10.56 -13.57
N PRO A 55 -16.88 11.37 -13.88
CA PRO A 55 -16.95 12.76 -13.39
C PRO A 55 -17.00 12.86 -11.85
N ALA A 56 -17.67 11.92 -11.19
CA ALA A 56 -17.76 11.84 -9.71
C ALA A 56 -16.35 11.81 -9.14
N ILE A 57 -15.49 10.99 -9.73
CA ILE A 57 -14.12 10.72 -9.20
C ILE A 57 -13.20 11.89 -9.51
N ILE A 58 -13.32 12.46 -10.72
CA ILE A 58 -12.50 13.62 -11.18
C ILE A 58 -12.77 14.78 -10.22
N GLU A 59 -14.05 15.09 -10.00
CA GLU A 59 -14.52 16.21 -9.16
C GLU A 59 -13.97 15.99 -7.75
N ALA A 60 -14.19 14.79 -7.18
CA ALA A 60 -13.82 14.47 -5.78
C ALA A 60 -12.32 14.67 -5.61
N VAL A 61 -11.52 14.23 -6.57
CA VAL A 61 -10.02 14.14 -6.46
C VAL A 61 -9.40 15.52 -6.69
N THR A 62 -9.91 16.28 -7.68
CA THR A 62 -9.46 17.67 -7.96
C THR A 62 -9.84 18.58 -6.79
N ASN A 63 -11.06 18.49 -6.26
CA ASN A 63 -11.46 19.23 -5.05
C ASN A 63 -10.42 18.98 -3.96
N GLN A 64 -10.18 17.70 -3.65
CA GLN A 64 -9.41 17.31 -2.45
C GLN A 64 -7.92 17.67 -2.61
N ILE A 65 -7.34 17.44 -3.80
CA ILE A 65 -5.89 17.69 -3.98
C ILE A 65 -5.60 19.18 -3.78
N GLY A 66 -6.57 20.06 -4.05
CA GLY A 66 -6.43 21.54 -3.92
C GLY A 66 -6.64 22.01 -2.49
N GLN A 67 -7.04 21.13 -1.59
CA GLN A 67 -7.43 21.41 -0.17
C GLN A 67 -6.38 20.82 0.77
N LEU A 68 -6.19 19.50 0.67
CA LEU A 68 -5.42 18.68 1.65
C LEU A 68 -5.10 17.30 1.05
N GLY A 69 -3.82 16.96 0.94
CA GLY A 69 -3.33 15.60 0.71
C GLY A 69 -3.00 14.92 2.02
N HIS A 70 -1.99 14.05 2.02
CA HIS A 70 -1.64 13.18 3.18
C HIS A 70 -1.51 14.04 4.43
N VAL A 71 -2.23 13.57 5.43
CA VAL A 71 -2.09 13.94 6.86
C VAL A 71 -1.84 12.59 7.54
N SER A 72 -1.06 12.52 8.60
CA SER A 72 -0.86 11.23 9.31
C SER A 72 -2.18 10.86 9.99
N ASN A 73 -2.27 9.65 10.55
CA ASN A 73 -3.37 9.27 11.47
C ASN A 73 -3.13 9.89 12.87
N LEU A 74 -2.07 10.70 13.05
CA LEU A 74 -1.92 11.61 14.22
C LEU A 74 -3.00 12.72 14.15
N PHE A 75 -3.64 12.82 12.99
CA PHE A 75 -4.67 13.84 12.68
C PHE A 75 -5.89 13.22 11.99
N ALA A 76 -7.05 13.86 12.20
CA ALA A 76 -8.35 13.47 11.62
C ALA A 76 -8.60 14.29 10.36
N SER A 77 -9.36 13.69 9.44
CA SER A 77 -9.53 14.10 8.02
C SER A 77 -10.96 13.76 7.66
N ARG A 78 -11.67 14.60 6.90
CA ARG A 78 -13.13 14.41 6.69
C ARG A 78 -13.37 13.14 5.88
N PRO A 79 -12.69 12.92 4.73
CA PRO A 79 -12.99 11.78 3.87
C PRO A 79 -12.87 10.37 4.47
N VAL A 80 -11.80 10.03 5.21
CA VAL A 80 -11.64 8.65 5.77
C VAL A 80 -12.90 8.24 6.52
N VAL A 81 -13.39 9.15 7.37
CA VAL A 81 -14.53 8.99 8.31
C VAL A 81 -15.84 8.79 7.51
N GLU A 82 -16.07 9.62 6.50
CA GLU A 82 -17.28 9.52 5.65
C GLU A 82 -17.28 8.13 5.01
N VAL A 83 -16.11 7.67 4.57
CA VAL A 83 -15.96 6.36 3.86
C VAL A 83 -16.15 5.25 4.88
N ALA A 84 -15.56 5.36 6.07
CA ALA A 84 -15.72 4.37 7.15
C ALA A 84 -17.22 4.20 7.38
N GLU A 85 -17.89 5.33 7.57
CA GLU A 85 -19.34 5.38 7.90
C GLU A 85 -20.13 4.58 6.84
N GLU A 86 -19.89 4.88 5.57
CA GLU A 86 -20.66 4.33 4.42
C GLU A 86 -20.35 2.83 4.24
N LEU A 87 -19.10 2.41 4.39
CA LEU A 87 -18.71 0.98 4.40
C LEU A 87 -19.46 0.26 5.52
N ILE A 88 -19.48 0.83 6.73
CA ILE A 88 -20.14 0.19 7.91
C ILE A 88 -21.64 0.10 7.64
N LYS A 89 -22.21 1.11 6.96
CA LYS A 89 -23.65 1.14 6.60
C LYS A 89 -23.93 0.04 5.56
N ARG A 90 -23.15 -0.01 4.49
CA ARG A 90 -23.40 -1.04 3.46
C ARG A 90 -23.15 -2.43 4.06
N PHE A 91 -22.23 -2.56 5.03
CA PHE A 91 -21.88 -3.85 5.66
C PHE A 91 -23.02 -4.37 6.57
N SER A 92 -23.82 -3.46 7.12
CA SER A 92 -24.73 -3.75 8.25
C SER A 92 -26.16 -4.02 7.79
N LEU A 93 -26.54 -3.68 6.56
CA LEU A 93 -27.87 -3.99 6.00
C LEU A 93 -28.96 -3.62 7.02
N ASP A 94 -28.90 -2.41 7.60
CA ASP A 94 -29.98 -1.76 8.39
C ASP A 94 -30.02 -2.26 9.84
N ASP A 95 -29.09 -3.13 10.27
CA ASP A 95 -29.00 -3.59 11.68
C ASP A 95 -28.07 -2.63 12.43
N ALA A 96 -28.66 -1.61 13.09
CA ALA A 96 -27.96 -0.53 13.81
C ALA A 96 -27.05 -1.09 14.91
N THR A 97 -27.37 -2.24 15.50
CA THR A 97 -26.57 -2.85 16.61
C THR A 97 -25.25 -3.39 16.02
N LEU A 98 -25.30 -3.93 14.82
CA LEU A 98 -24.12 -4.50 14.15
C LEU A 98 -23.17 -3.34 13.78
N ALA A 99 -23.70 -2.31 13.13
CA ALA A 99 -22.99 -1.08 12.70
C ALA A 99 -22.23 -0.47 13.87
N ALA A 100 -22.84 -0.48 15.05
CA ALA A 100 -22.30 0.23 16.23
C ALA A 100 -21.08 -0.54 16.78
N GLN A 101 -20.94 -1.84 16.45
CA GLN A 101 -19.81 -2.72 16.88
C GLN A 101 -18.78 -2.91 15.75
N THR A 102 -18.99 -2.24 14.62
CA THR A 102 -18.11 -2.34 13.42
C THR A 102 -17.18 -1.11 13.30
N ARG A 103 -15.94 -1.37 12.88
CA ARG A 103 -14.88 -0.36 12.68
C ARG A 103 -14.09 -0.75 11.43
N VAL A 104 -13.33 0.20 10.87
CA VAL A 104 -12.49 -0.03 9.67
C VAL A 104 -11.11 0.57 9.93
N PHE A 105 -10.09 -0.17 9.56
CA PHE A 105 -8.68 0.26 9.52
C PHE A 105 -8.33 0.46 8.06
N PHE A 106 -7.77 1.62 7.72
CA PHE A 106 -7.48 2.01 6.33
C PHE A 106 -6.00 1.75 6.06
N CYS A 107 -5.71 1.22 4.86
CA CYS A 107 -4.35 0.97 4.33
C CYS A 107 -4.38 1.23 2.82
N ASN A 108 -3.46 0.65 2.03
CA ASN A 108 -3.17 1.11 0.63
C ASN A 108 -3.29 0.00 -0.42
N SER A 109 -3.55 -1.24 -0.04
CA SER A 109 -3.71 -2.34 -1.01
C SER A 109 -4.51 -3.47 -0.37
N GLY A 110 -4.95 -4.44 -1.17
CA GLY A 110 -5.46 -5.74 -0.66
C GLY A 110 -4.41 -6.42 0.20
N ALA A 111 -3.15 -6.48 -0.23
CA ALA A 111 -2.08 -7.14 0.53
C ALA A 111 -2.06 -6.56 1.94
N GLU A 112 -1.92 -5.25 2.04
CA GLU A 112 -1.86 -4.56 3.36
C GLU A 112 -3.14 -4.87 4.17
N ALA A 113 -4.28 -4.93 3.50
CA ALA A 113 -5.60 -5.18 4.12
C ALA A 113 -5.60 -6.60 4.70
N ASN A 114 -5.12 -7.59 3.94
CA ASN A 114 -5.03 -8.98 4.44
C ASN A 114 -3.91 -9.09 5.49
N GLU A 115 -2.95 -8.16 5.50
CA GLU A 115 -1.89 -8.11 6.55
C GLU A 115 -2.52 -7.64 7.86
N ALA A 116 -3.50 -6.72 7.79
CA ALA A 116 -4.18 -6.26 9.01
C ALA A 116 -5.06 -7.42 9.51
N ALA A 117 -5.74 -8.17 8.65
CA ALA A 117 -6.55 -9.34 9.06
C ALA A 117 -5.66 -10.45 9.63
N PHE A 118 -4.52 -10.71 9.01
CA PHE A 118 -3.52 -11.67 9.53
C PHE A 118 -3.16 -11.26 10.96
N LYS A 119 -2.86 -9.97 11.18
CA LYS A 119 -2.41 -9.47 12.51
C LYS A 119 -3.55 -9.59 13.54
N ILE A 120 -4.79 -9.33 13.15
CA ILE A 120 -6.00 -9.56 14.01
C ILE A 120 -6.04 -11.06 14.37
N ALA A 121 -5.89 -11.95 13.40
CA ALA A 121 -5.78 -13.41 13.67
C ALA A 121 -4.74 -13.66 14.76
N ARG A 122 -3.58 -13.03 14.72
CA ARG A 122 -2.51 -13.32 15.71
C ARG A 122 -2.91 -12.82 17.10
N LEU A 123 -3.72 -11.77 17.16
CA LEU A 123 -4.17 -11.18 18.45
C LEU A 123 -5.14 -12.10 19.14
N THR A 124 -5.70 -13.12 18.46
CA THR A 124 -6.59 -14.13 19.09
C THR A 124 -5.77 -15.04 20.03
N GLY A 125 -4.44 -15.00 19.97
CA GLY A 125 -3.59 -15.90 20.77
C GLY A 125 -3.58 -17.34 20.25
N ARG A 126 -4.19 -17.61 19.08
CA ARG A 126 -4.32 -18.96 18.48
C ARG A 126 -3.38 -19.08 17.29
N SER A 127 -2.81 -20.29 17.08
CA SER A 127 -1.70 -20.53 16.15
C SER A 127 -2.24 -20.88 14.75
N ARG A 128 -3.44 -21.47 14.62
CA ARG A 128 -3.88 -22.00 13.31
C ARG A 128 -4.62 -20.90 12.52
N ILE A 129 -4.27 -20.71 11.24
CA ILE A 129 -5.06 -19.92 10.24
C ILE A 129 -5.41 -20.85 9.06
N LEU A 130 -6.66 -20.89 8.63
CA LEU A 130 -7.08 -21.76 7.49
C LEU A 130 -7.40 -20.90 6.28
N ALA A 131 -6.86 -21.29 5.12
CA ALA A 131 -7.00 -20.60 3.83
C ALA A 131 -7.27 -21.66 2.76
N ALA A 132 -7.91 -21.27 1.67
CA ALA A 132 -8.36 -22.18 0.61
C ALA A 132 -7.20 -22.41 -0.35
N VAL A 133 -7.14 -23.63 -0.91
CA VAL A 133 -6.36 -24.00 -2.11
C VAL A 133 -6.86 -23.17 -3.30
N HIS A 134 -5.95 -22.50 -4.00
CA HIS A 134 -6.17 -21.67 -5.23
C HIS A 134 -6.62 -20.28 -4.78
N GLY A 135 -6.58 -20.02 -3.47
CA GLY A 135 -6.89 -18.70 -2.91
C GLY A 135 -5.74 -17.75 -3.19
N PHE A 136 -6.04 -16.46 -3.21
CA PHE A 136 -5.02 -15.40 -3.39
C PHE A 136 -5.36 -14.26 -2.42
N HIS A 137 -4.46 -13.93 -1.49
CA HIS A 137 -4.64 -12.84 -0.49
C HIS A 137 -3.55 -11.76 -0.65
N GLY A 138 -2.56 -11.97 -1.53
CA GLY A 138 -1.57 -10.92 -1.87
C GLY A 138 -0.15 -11.44 -1.77
N ARG A 139 0.83 -10.53 -1.87
CA ARG A 139 2.25 -10.84 -2.19
C ARG A 139 3.23 -10.34 -1.11
N THR A 140 2.76 -9.58 -0.12
CA THR A 140 3.53 -9.30 1.12
C THR A 140 3.63 -10.61 1.89
N MET A 141 4.49 -10.69 2.89
CA MET A 141 4.87 -12.00 3.47
C MET A 141 3.69 -12.64 4.23
N GLY A 142 2.88 -11.85 4.93
CA GLY A 142 1.68 -12.37 5.61
C GLY A 142 0.66 -12.82 4.58
N SER A 143 0.41 -11.98 3.57
CA SER A 143 -0.70 -12.19 2.61
C SER A 143 -0.37 -13.40 1.75
N LEU A 144 0.90 -13.51 1.37
CA LEU A 144 1.46 -14.67 0.65
C LEU A 144 1.36 -15.92 1.54
N ALA A 145 1.63 -15.86 2.85
CA ALA A 145 1.41 -17.02 3.74
C ALA A 145 -0.01 -17.56 3.58
N LEU A 146 -0.99 -16.65 3.39
CA LEU A 146 -2.44 -16.96 3.40
C LEU A 146 -2.86 -17.51 2.04
N THR A 147 -2.07 -17.24 1.00
CA THR A 147 -2.36 -17.57 -0.42
C THR A 147 -2.11 -19.07 -0.70
N GLY A 148 -3.12 -19.74 -1.28
CA GLY A 148 -3.14 -21.22 -1.47
C GLY A 148 -2.53 -21.63 -2.80
N GLN A 149 -1.30 -21.21 -3.06
CA GLN A 149 -0.63 -21.30 -4.37
C GLN A 149 0.86 -21.56 -4.15
N PRO A 150 1.26 -22.84 -3.95
CA PRO A 150 2.66 -23.20 -3.65
C PRO A 150 3.76 -22.49 -4.46
N ASP A 151 3.66 -22.46 -5.79
CA ASP A 151 4.76 -21.99 -6.68
C ASP A 151 4.98 -20.49 -6.44
N LYS A 152 4.04 -19.77 -5.83
CA LYS A 152 4.25 -18.35 -5.42
C LYS A 152 5.02 -18.29 -4.08
N ARG A 153 4.81 -19.24 -3.16
CA ARG A 153 5.40 -19.19 -1.80
C ARG A 153 6.86 -19.67 -1.79
N GLU A 154 7.20 -20.65 -2.64
CA GLU A 154 8.42 -21.51 -2.50
C GLU A 154 9.64 -20.62 -2.34
N ALA A 155 9.90 -19.80 -3.34
CA ALA A 155 11.07 -18.91 -3.47
C ALA A 155 11.31 -18.14 -2.17
N PHE A 156 10.28 -17.88 -1.36
CA PHE A 156 10.37 -16.95 -0.21
C PHE A 156 10.22 -17.61 1.16
N LEU A 157 10.36 -18.93 1.22
CA LEU A 157 10.28 -19.68 2.49
C LEU A 157 11.49 -19.33 3.37
N PRO A 158 11.39 -19.37 4.70
CA PRO A 158 10.15 -19.71 5.40
C PRO A 158 9.06 -18.64 5.47
N MET A 159 7.81 -19.07 5.42
CA MET A 159 6.66 -18.16 5.55
C MET A 159 6.35 -17.89 7.01
N PRO A 160 5.75 -16.73 7.36
CA PRO A 160 5.23 -16.52 8.70
C PRO A 160 4.35 -17.76 8.98
N SER A 161 4.57 -18.45 10.11
CA SER A 161 3.90 -19.74 10.42
C SER A 161 2.42 -19.69 10.75
N GLY A 162 1.74 -20.81 10.57
CA GLY A 162 0.33 -20.92 10.99
C GLY A 162 -0.67 -21.28 9.92
N VAL A 163 -0.35 -21.05 8.66
CA VAL A 163 -1.41 -21.27 7.64
C VAL A 163 -1.41 -22.75 7.25
N GLU A 164 -2.61 -23.33 7.17
CA GLU A 164 -2.91 -24.63 6.51
C GLU A 164 -3.97 -24.38 5.43
N PHE A 165 -4.08 -25.28 4.45
CA PHE A 165 -4.94 -25.12 3.24
C PHE A 165 -5.99 -26.23 3.16
N TYR A 166 -7.20 -25.84 2.76
CA TYR A 166 -8.40 -26.70 2.56
C TYR A 166 -8.89 -26.55 1.14
N PRO A 167 -9.49 -27.62 0.57
CA PRO A 167 -10.14 -27.53 -0.73
C PRO A 167 -11.36 -26.62 -0.62
N TYR A 168 -11.37 -25.56 -1.44
CA TYR A 168 -12.46 -24.55 -1.52
C TYR A 168 -13.83 -25.25 -1.65
N GLY A 169 -14.73 -24.97 -0.71
CA GLY A 169 -16.12 -25.45 -0.73
C GLY A 169 -16.34 -26.82 -0.13
N ASP A 170 -15.27 -27.52 0.31
CA ASP A 170 -15.37 -28.85 0.96
C ASP A 170 -15.68 -28.62 2.44
N THR A 171 -16.96 -28.41 2.74
CA THR A 171 -17.49 -28.26 4.12
C THR A 171 -17.00 -29.40 5.00
N ASP A 172 -17.15 -30.66 4.54
CA ASP A 172 -16.74 -31.88 5.29
C ASP A 172 -15.28 -31.78 5.69
N TYR A 173 -14.38 -31.57 4.72
CA TYR A 173 -12.92 -31.45 4.97
C TYR A 173 -12.68 -30.29 5.95
N LEU A 174 -13.30 -29.14 5.74
CA LEU A 174 -12.95 -27.96 6.59
C LEU A 174 -13.34 -28.25 8.04
N ARG A 175 -14.53 -28.82 8.25
CA ARG A 175 -15.07 -29.13 9.60
C ARG A 175 -14.11 -30.10 10.30
N LYS A 176 -13.65 -31.15 9.62
CA LYS A 176 -12.74 -32.16 10.22
C LYS A 176 -11.40 -31.47 10.55
N MET A 177 -10.83 -30.79 9.56
CA MET A 177 -9.59 -29.95 9.69
C MET A 177 -9.67 -29.09 10.96
N VAL A 178 -10.75 -28.33 11.14
CA VAL A 178 -11.00 -27.50 12.35
C VAL A 178 -10.98 -28.43 13.57
N GLU A 179 -11.74 -29.52 13.46
CA GLU A 179 -12.00 -30.45 14.60
C GLU A 179 -10.73 -31.25 14.96
N THR A 180 -9.67 -31.22 14.16
CA THR A 180 -8.38 -31.83 14.54
C THR A 180 -7.83 -31.09 15.77
N ASN A 181 -8.04 -29.77 15.87
CA ASN A 181 -7.56 -28.91 16.99
C ASN A 181 -8.35 -27.61 16.95
N PRO A 182 -9.66 -27.63 17.32
CA PRO A 182 -10.57 -26.50 17.09
C PRO A 182 -10.28 -25.18 17.84
N THR A 183 -9.96 -25.24 19.12
CA THR A 183 -9.78 -24.04 19.98
C THR A 183 -8.44 -23.35 19.66
N ASP A 184 -7.65 -23.91 18.75
CA ASP A 184 -6.40 -23.25 18.31
C ASP A 184 -6.52 -22.67 16.87
N VAL A 185 -7.74 -22.54 16.32
CA VAL A 185 -7.99 -21.88 14.99
C VAL A 185 -8.37 -20.40 15.21
N ALA A 186 -7.42 -19.51 14.92
CA ALA A 186 -7.57 -18.04 15.02
C ALA A 186 -8.67 -17.58 14.06
N ALA A 187 -8.55 -17.95 12.78
CA ALA A 187 -9.35 -17.39 11.67
C ALA A 187 -9.44 -18.41 10.53
N ILE A 188 -10.52 -18.32 9.76
CA ILE A 188 -10.70 -18.98 8.44
C ILE A 188 -10.84 -17.89 7.37
N PHE A 189 -9.92 -17.89 6.41
CA PHE A 189 -9.91 -16.93 5.29
C PHE A 189 -10.50 -17.59 4.04
N LEU A 190 -11.29 -16.83 3.29
CA LEU A 190 -11.88 -17.33 2.03
C LEU A 190 -12.19 -16.19 1.07
N GLU A 191 -12.09 -16.46 -0.22
CA GLU A 191 -12.62 -15.50 -1.20
C GLU A 191 -14.10 -15.90 -1.36
N PRO A 192 -15.13 -15.04 -1.21
CA PRO A 192 -16.52 -15.44 -1.45
C PRO A 192 -16.75 -16.02 -2.85
N ILE A 193 -15.99 -15.54 -3.83
CA ILE A 193 -15.78 -16.14 -5.18
C ILE A 193 -14.27 -16.03 -5.46
N GLN A 194 -13.56 -17.14 -5.70
CA GLN A 194 -12.09 -17.16 -5.96
C GLN A 194 -11.80 -16.51 -7.32
N GLY A 195 -10.90 -15.54 -7.38
CA GLY A 195 -10.65 -14.71 -8.58
C GLY A 195 -9.48 -15.22 -9.36
N GLU A 196 -8.31 -15.31 -8.72
CA GLU A 196 -7.00 -15.71 -9.32
C GLU A 196 -7.16 -17.03 -10.08
N THR A 197 -7.66 -18.08 -9.43
CA THR A 197 -7.79 -19.46 -9.99
C THR A 197 -8.43 -19.44 -11.39
N GLY A 198 -9.41 -18.55 -11.59
CA GLY A 198 -10.49 -18.66 -12.59
C GLY A 198 -11.63 -17.77 -12.13
N VAL A 199 -12.86 -18.26 -12.08
CA VAL A 199 -13.95 -17.60 -11.28
C VAL A 199 -14.78 -18.71 -10.65
N VAL A 200 -14.49 -19.06 -9.39
CA VAL A 200 -15.10 -20.21 -8.66
C VAL A 200 -15.95 -19.66 -7.51
N PRO A 201 -17.29 -19.58 -7.68
CA PRO A 201 -18.17 -19.15 -6.60
C PRO A 201 -18.14 -20.15 -5.45
N ALA A 202 -18.28 -19.64 -4.23
CA ALA A 202 -18.55 -20.47 -3.05
C ALA A 202 -19.74 -21.34 -3.38
N PRO A 203 -19.66 -22.68 -3.26
CA PRO A 203 -20.85 -23.53 -3.45
C PRO A 203 -21.99 -22.99 -2.59
N GLU A 204 -23.24 -23.27 -2.99
CA GLU A 204 -24.44 -23.07 -2.13
C GLU A 204 -24.15 -23.61 -0.73
N GLY A 205 -24.36 -22.77 0.28
CA GLY A 205 -24.39 -23.17 1.70
C GLY A 205 -23.03 -23.13 2.37
N PHE A 206 -21.95 -22.89 1.62
CA PHE A 206 -20.57 -23.02 2.13
C PHE A 206 -20.27 -21.88 3.11
N LEU A 207 -20.58 -20.63 2.77
CA LEU A 207 -20.27 -19.48 3.66
C LEU A 207 -21.07 -19.56 4.97
N LYS A 208 -22.31 -20.08 4.92
CA LYS A 208 -23.17 -20.34 6.12
C LYS A 208 -22.53 -21.41 7.00
N ALA A 209 -22.13 -22.52 6.38
CA ALA A 209 -21.44 -23.65 7.04
C ALA A 209 -20.22 -23.11 7.80
N VAL A 210 -19.38 -22.38 7.08
CA VAL A 210 -18.14 -21.80 7.64
C VAL A 210 -18.51 -20.86 8.78
N ARG A 211 -19.56 -20.05 8.59
CA ARG A 211 -20.03 -19.05 9.59
C ARG A 211 -20.42 -19.81 10.86
N GLU A 212 -21.22 -20.88 10.71
CA GLU A 212 -21.72 -21.66 11.88
C GLU A 212 -20.54 -22.37 12.54
N LEU A 213 -19.64 -22.93 11.75
CA LEU A 213 -18.46 -23.65 12.28
C LEU A 213 -17.61 -22.64 13.06
N CYS A 214 -17.47 -21.44 12.53
CA CYS A 214 -16.70 -20.35 13.20
C CYS A 214 -17.35 -20.05 14.57
N ASP A 215 -18.68 -19.96 14.59
CA ASP A 215 -19.49 -19.62 15.79
C ASP A 215 -19.26 -20.61 16.94
N GLU A 216 -19.42 -21.94 16.75
CA GLU A 216 -18.84 -22.93 17.71
C GLU A 216 -17.34 -22.73 17.61
N TYR A 217 -16.57 -22.94 18.66
CA TYR A 217 -15.08 -22.90 18.57
C TYR A 217 -14.52 -21.46 18.49
N GLY A 218 -15.36 -20.44 18.31
CA GLY A 218 -14.94 -19.03 18.45
C GLY A 218 -13.88 -18.63 17.44
N ILE A 219 -14.02 -19.08 16.21
CA ILE A 219 -13.10 -18.75 15.08
C ILE A 219 -13.62 -17.48 14.37
N LEU A 220 -12.71 -16.58 13.98
CA LEU A 220 -13.05 -15.41 13.12
C LEU A 220 -13.27 -15.91 11.69
N MET A 221 -14.36 -15.49 11.05
CA MET A 221 -14.59 -15.70 9.59
C MET A 221 -14.15 -14.42 8.87
N ILE A 222 -13.20 -14.55 7.94
CA ILE A 222 -12.57 -13.42 7.21
C ILE A 222 -12.88 -13.57 5.71
N THR A 223 -13.67 -12.67 5.16
CA THR A 223 -14.01 -12.65 3.72
C THR A 223 -13.11 -11.65 3.03
N ASP A 224 -12.19 -12.15 2.20
CA ASP A 224 -11.44 -11.33 1.22
C ASP A 224 -12.41 -10.84 0.16
N GLU A 225 -12.79 -9.56 0.24
CA GLU A 225 -13.70 -8.91 -0.75
C GLU A 225 -12.91 -7.93 -1.63
N VAL A 226 -11.58 -8.01 -1.63
CA VAL A 226 -10.71 -7.16 -2.51
C VAL A 226 -11.27 -7.17 -3.95
N GLN A 227 -11.63 -8.31 -4.54
CA GLN A 227 -12.09 -8.34 -5.96
C GLN A 227 -13.62 -8.38 -6.04
N THR A 228 -14.27 -9.09 -5.14
CA THR A 228 -15.75 -9.31 -5.16
C THR A 228 -16.50 -8.06 -4.66
N GLY A 229 -15.80 -7.13 -4.01
CA GLY A 229 -16.48 -6.01 -3.36
C GLY A 229 -16.86 -4.83 -4.22
N VAL A 230 -17.49 -3.82 -3.60
CA VAL A 230 -17.96 -2.58 -4.29
C VAL A 230 -18.96 -2.86 -5.42
N GLY A 231 -19.90 -3.78 -5.21
CA GLY A 231 -20.99 -4.02 -6.18
C GLY A 231 -20.70 -4.93 -7.34
N ARG A 232 -19.53 -5.56 -7.39
CA ARG A 232 -19.13 -6.37 -8.56
C ARG A 232 -20.01 -7.61 -8.75
N THR A 233 -20.50 -8.19 -7.66
CA THR A 233 -21.22 -9.48 -7.75
C THR A 233 -22.75 -9.32 -7.79
N GLY A 234 -23.25 -8.09 -7.75
CA GLY A 234 -24.71 -7.91 -7.67
C GLY A 234 -25.17 -7.45 -6.29
N ASP A 235 -24.38 -7.72 -5.24
CA ASP A 235 -24.52 -7.09 -3.91
C ASP A 235 -23.28 -6.22 -3.62
N PHE A 236 -23.36 -5.34 -2.64
CA PHE A 236 -22.19 -4.54 -2.25
C PHE A 236 -21.05 -5.46 -1.84
N PHE A 237 -21.35 -6.51 -1.10
CA PHE A 237 -20.38 -7.58 -0.78
C PHE A 237 -20.93 -8.91 -1.32
N ALA A 238 -20.08 -9.68 -2.00
CA ALA A 238 -20.43 -11.06 -2.41
C ALA A 238 -21.06 -11.77 -1.23
N HIS A 239 -20.45 -11.71 -0.03
CA HIS A 239 -20.81 -12.60 1.12
C HIS A 239 -22.25 -12.34 1.58
N GLN A 240 -22.80 -11.17 1.23
CA GLN A 240 -24.18 -10.75 1.57
C GLN A 240 -25.15 -11.70 0.89
N HIS A 241 -24.81 -12.22 -0.29
CA HIS A 241 -25.67 -13.17 -1.05
C HIS A 241 -25.80 -14.53 -0.33
N ASP A 242 -24.80 -14.91 0.46
CA ASP A 242 -24.83 -16.19 1.19
C ASP A 242 -25.40 -15.96 2.59
N GLY A 243 -25.84 -14.74 2.89
CA GLY A 243 -26.49 -14.44 4.17
C GLY A 243 -25.63 -14.72 5.36
N VAL A 244 -24.45 -14.11 5.40
CA VAL A 244 -23.53 -14.28 6.54
C VAL A 244 -23.02 -12.93 7.01
N VAL A 245 -22.79 -12.80 8.31
CA VAL A 245 -22.12 -11.59 8.85
C VAL A 245 -20.67 -12.01 9.17
N PRO A 246 -19.62 -11.73 8.34
CA PRO A 246 -18.25 -12.11 8.66
C PRO A 246 -17.74 -11.32 9.86
N ASP A 247 -16.73 -11.84 10.58
CA ASP A 247 -16.02 -11.08 11.65
C ASP A 247 -15.15 -10.00 11.03
N VAL A 248 -14.51 -10.31 9.90
CA VAL A 248 -13.54 -9.40 9.23
C VAL A 248 -13.79 -9.42 7.71
N VAL A 249 -13.76 -8.23 7.13
CA VAL A 249 -13.84 -8.04 5.64
C VAL A 249 -12.65 -7.20 5.19
N THR A 250 -11.91 -7.70 4.20
CA THR A 250 -10.77 -6.98 3.59
C THR A 250 -11.20 -6.55 2.19
N MET A 251 -10.82 -5.32 1.83
CA MET A 251 -11.23 -4.56 0.64
C MET A 251 -10.00 -3.89 0.07
N ALA A 252 -10.01 -3.66 -1.25
CA ALA A 252 -9.08 -2.81 -2.01
C ALA A 252 -9.62 -2.66 -3.44
N LYS A 253 -8.82 -2.82 -4.49
CA LYS A 253 -9.23 -2.67 -5.92
C LYS A 253 -10.34 -1.64 -6.19
N GLY A 254 -11.60 -2.06 -6.33
CA GLY A 254 -12.72 -1.17 -6.69
C GLY A 254 -13.08 -0.05 -5.75
N LEU A 255 -12.64 -0.11 -4.49
CA LEU A 255 -12.97 0.94 -3.50
C LEU A 255 -12.43 2.32 -3.88
N GLY A 256 -11.23 2.44 -4.43
CA GLY A 256 -10.62 3.76 -4.66
C GLY A 256 -10.74 4.35 -6.05
N GLY A 257 -11.44 3.71 -6.96
CA GLY A 257 -11.66 4.27 -8.30
C GLY A 257 -10.40 4.67 -9.02
N GLY A 258 -9.42 3.76 -9.10
CA GLY A 258 -8.14 4.06 -9.75
C GLY A 258 -7.12 4.69 -8.83
N LEU A 259 -7.45 4.85 -7.56
CA LEU A 259 -6.48 5.37 -6.59
C LEU A 259 -6.16 4.29 -5.56
N PRO A 260 -4.89 4.14 -5.17
CA PRO A 260 -4.48 3.14 -4.18
C PRO A 260 -5.18 3.19 -2.80
N ILE A 261 -5.99 2.18 -2.50
CA ILE A 261 -6.67 2.09 -1.17
C ILE A 261 -6.84 0.64 -0.72
N GLY A 262 -6.88 0.42 0.58
CA GLY A 262 -7.17 -0.89 1.16
C GLY A 262 -7.98 -0.66 2.41
N ALA A 263 -8.71 -1.66 2.86
CA ALA A 263 -9.52 -1.53 4.08
C ALA A 263 -9.73 -2.86 4.81
N CYS A 264 -9.53 -2.86 6.12
CA CYS A 264 -9.84 -4.04 6.96
C CYS A 264 -11.00 -3.67 7.89
N LEU A 265 -12.19 -4.17 7.60
CA LEU A 265 -13.42 -3.97 8.40
C LEU A 265 -13.49 -5.11 9.42
N ALA A 266 -13.73 -4.78 10.68
CA ALA A 266 -13.81 -5.80 11.75
C ALA A 266 -14.98 -5.47 12.68
N THR A 267 -15.75 -6.49 13.06
CA THR A 267 -16.93 -6.30 13.92
C THR A 267 -16.75 -7.13 15.19
N GLY A 268 -17.22 -6.62 16.32
CA GLY A 268 -17.16 -7.32 17.59
C GLY A 268 -15.77 -7.44 18.16
N ARG A 269 -15.45 -8.61 18.70
CA ARG A 269 -14.12 -8.90 19.30
C ARG A 269 -12.99 -8.44 18.39
N ALA A 270 -13.08 -8.78 17.11
CA ALA A 270 -12.05 -8.46 16.11
C ALA A 270 -11.73 -6.96 16.08
N ALA A 271 -12.77 -6.12 16.12
CA ALA A 271 -12.55 -4.67 16.15
C ALA A 271 -11.82 -4.29 17.44
N GLU A 272 -12.22 -4.88 18.57
CA GLU A 272 -11.63 -4.58 19.89
C GLU A 272 -10.19 -5.10 20.00
N LEU A 273 -9.83 -6.09 19.20
CA LEU A 273 -8.49 -6.71 19.29
C LEU A 273 -7.40 -5.70 18.93
N MET A 274 -7.61 -4.87 17.89
CA MET A 274 -6.59 -3.85 17.61
C MET A 274 -6.71 -2.66 18.56
N THR A 275 -5.72 -2.50 19.42
CA THR A 275 -5.74 -1.43 20.44
C THR A 275 -4.67 -0.41 20.02
N PRO A 276 -4.59 0.79 20.63
CA PRO A 276 -3.63 1.78 20.17
C PRO A 276 -2.16 1.34 20.16
N GLY A 277 -1.51 1.39 19.00
CA GLY A 277 -0.08 1.04 18.86
C GLY A 277 0.15 -0.33 18.26
N LYS A 278 -0.89 -1.15 18.16
CA LYS A 278 -0.74 -2.56 17.70
C LYS A 278 -0.57 -2.64 16.18
N HIS A 279 -1.30 -1.84 15.41
CA HIS A 279 -1.12 -1.79 13.94
C HIS A 279 -1.04 -0.33 13.48
N GLY A 280 -0.57 -0.10 12.27
CA GLY A 280 -0.40 1.25 11.72
C GLY A 280 0.01 1.30 10.26
N THR A 281 -0.23 2.44 9.60
CA THR A 281 0.16 2.68 8.20
C THR A 281 0.19 4.20 8.04
N THR A 282 1.22 4.75 7.42
CA THR A 282 1.38 6.21 7.20
C THR A 282 0.27 6.73 6.29
N PHE A 283 0.10 6.11 5.12
CA PHE A 283 -0.87 6.62 4.11
C PHE A 283 -2.31 6.23 4.44
N GLY A 284 -2.52 5.39 5.45
CA GLY A 284 -3.87 4.95 5.86
C GLY A 284 -4.84 6.10 6.03
N GLY A 285 -5.93 6.10 5.26
CA GLY A 285 -6.88 7.22 5.30
C GLY A 285 -6.47 8.37 4.43
N ASN A 286 -5.70 8.11 3.38
CA ASN A 286 -5.34 9.19 2.43
C ASN A 286 -6.60 9.98 2.03
N PRO A 287 -6.60 11.30 2.25
CA PRO A 287 -7.74 12.13 1.88
C PRO A 287 -8.16 12.14 0.41
N VAL A 288 -7.25 11.90 -0.52
CA VAL A 288 -7.53 11.95 -1.98
C VAL A 288 -8.10 10.62 -2.44
N ALA A 289 -7.54 9.53 -1.94
CA ALA A 289 -8.00 8.18 -2.28
C ALA A 289 -9.34 7.91 -1.59
N CYS A 290 -9.55 8.53 -0.43
CA CYS A 290 -10.80 8.36 0.34
C CYS A 290 -11.85 9.28 -0.29
N ALA A 291 -11.41 10.33 -0.97
CA ALA A 291 -12.34 11.19 -1.71
C ALA A 291 -12.85 10.39 -2.91
N ALA A 292 -11.96 9.68 -3.60
CA ALA A 292 -12.33 8.85 -4.76
C ALA A 292 -13.22 7.68 -4.31
N ALA A 293 -12.95 7.12 -3.12
CA ALA A 293 -13.78 6.05 -2.55
C ALA A 293 -15.22 6.52 -2.29
N LYS A 294 -15.41 7.71 -1.73
CA LYS A 294 -16.75 8.27 -1.44
C LYS A 294 -17.54 8.42 -2.73
N ALA A 295 -16.90 8.91 -3.78
CA ALA A 295 -17.55 9.05 -5.10
C ALA A 295 -18.01 7.68 -5.60
N VAL A 296 -17.16 6.67 -5.47
CA VAL A 296 -17.51 5.28 -5.88
C VAL A 296 -18.71 4.81 -5.05
N LEU A 297 -18.74 5.09 -3.75
CA LEU A 297 -19.81 4.60 -2.84
C LEU A 297 -21.10 5.36 -3.07
N SER A 298 -21.03 6.56 -3.62
CA SER A 298 -22.22 7.37 -3.94
C SER A 298 -22.87 6.81 -5.21
N VAL A 299 -22.06 6.29 -6.13
CA VAL A 299 -22.59 5.74 -7.41
C VAL A 299 -23.01 4.29 -7.20
N VAL A 300 -22.23 3.49 -6.48
CA VAL A 300 -22.48 2.03 -6.32
C VAL A 300 -23.47 1.82 -5.18
N ASP A 301 -24.74 2.09 -5.46
CA ASP A 301 -25.81 1.95 -4.46
C ASP A 301 -26.63 0.69 -4.74
N ASP A 302 -27.77 0.54 -4.09
CA ASP A 302 -28.61 -0.67 -4.22
C ASP A 302 -29.09 -0.87 -5.65
N ALA A 303 -29.43 0.22 -6.35
CA ALA A 303 -29.97 0.15 -7.72
C ALA A 303 -28.85 -0.09 -8.73
N PHE A 304 -27.68 0.51 -8.51
CA PHE A 304 -26.52 0.28 -9.39
C PHE A 304 -26.05 -1.17 -9.23
N CYS A 305 -26.09 -1.70 -8.01
CA CYS A 305 -25.65 -3.10 -7.75
C CYS A 305 -26.64 -4.03 -8.42
N ALA A 306 -27.93 -3.67 -8.44
CA ALA A 306 -28.96 -4.48 -9.12
C ALA A 306 -28.73 -4.50 -10.64
N GLU A 307 -28.23 -3.40 -11.18
CA GLU A 307 -27.95 -3.29 -12.62
C GLU A 307 -26.76 -4.16 -12.97
N VAL A 308 -25.81 -4.31 -12.05
CA VAL A 308 -24.64 -5.21 -12.26
C VAL A 308 -25.15 -6.64 -12.36
N ALA A 309 -26.06 -7.02 -11.49
CA ALA A 309 -26.63 -8.39 -11.46
C ALA A 309 -27.37 -8.69 -12.76
N ARG A 310 -28.14 -7.74 -13.26
CA ARG A 310 -28.90 -7.93 -14.52
C ARG A 310 -27.92 -8.01 -15.69
N LYS A 311 -26.90 -7.16 -15.70
CA LYS A 311 -25.89 -7.15 -16.78
C LYS A 311 -25.08 -8.45 -16.78
N GLY A 312 -24.88 -9.05 -15.60
CA GLY A 312 -24.20 -10.35 -15.52
C GLY A 312 -25.08 -11.45 -16.03
N GLU A 313 -26.38 -11.31 -15.83
CA GLU A 313 -27.35 -12.30 -16.33
C GLU A 313 -27.45 -12.12 -17.85
N LEU A 314 -27.41 -10.88 -18.35
CA LEU A 314 -27.42 -10.61 -19.80
C LEU A 314 -26.21 -11.28 -20.45
N PHE A 315 -25.02 -11.10 -19.89
CA PHE A 315 -23.77 -11.71 -20.41
C PHE A 315 -23.93 -13.21 -20.48
N LYS A 316 -24.37 -13.83 -19.39
CA LYS A 316 -24.53 -15.30 -19.32
C LYS A 316 -25.50 -15.77 -20.40
N GLU A 317 -26.61 -15.08 -20.59
CA GLU A 317 -27.62 -15.44 -21.60
C GLU A 317 -27.04 -15.38 -23.01
N LEU A 318 -26.28 -14.34 -23.33
CA LEU A 318 -25.74 -14.14 -24.70
C LEU A 318 -24.59 -15.10 -24.97
N LEU A 319 -23.81 -15.44 -23.95
CA LEU A 319 -22.60 -16.28 -24.13
C LEU A 319 -22.97 -17.76 -24.20
N ALA A 320 -24.09 -18.15 -23.62
CA ALA A 320 -24.54 -19.55 -23.68
C ALA A 320 -24.96 -19.91 -25.11
N LYS A 321 -25.22 -18.90 -25.95
CA LYS A 321 -25.64 -19.13 -27.35
C LYS A 321 -24.41 -19.06 -28.25
N VAL A 322 -23.23 -18.87 -27.68
CA VAL A 322 -22.00 -18.70 -28.48
C VAL A 322 -21.28 -20.05 -28.61
N ASP A 323 -20.95 -20.42 -29.85
CA ASP A 323 -20.22 -21.69 -30.12
C ASP A 323 -18.79 -21.56 -29.61
N GLY A 324 -18.39 -22.44 -28.69
CA GLY A 324 -17.05 -22.41 -28.10
C GLY A 324 -17.15 -22.32 -26.59
N VAL A 325 -18.29 -21.85 -26.09
CA VAL A 325 -18.46 -21.70 -24.63
C VAL A 325 -19.33 -22.82 -24.05
N VAL A 326 -18.88 -23.42 -22.96
CA VAL A 326 -19.58 -24.57 -22.32
C VAL A 326 -20.40 -24.04 -21.15
N ASP A 327 -19.83 -23.12 -20.37
CA ASP A 327 -20.55 -22.54 -19.22
C ASP A 327 -20.02 -21.15 -18.91
N VAL A 328 -20.81 -20.31 -18.27
CA VAL A 328 -20.30 -19.02 -17.74
C VAL A 328 -20.58 -19.04 -16.25
N ARG A 329 -19.53 -19.11 -15.43
CA ARG A 329 -19.67 -19.15 -13.96
C ARG A 329 -19.49 -17.75 -13.37
N GLY A 330 -19.93 -17.57 -12.13
CA GLY A 330 -19.80 -16.28 -11.44
C GLY A 330 -21.11 -15.56 -11.24
N ARG A 331 -21.05 -14.28 -10.88
CA ARG A 331 -22.27 -13.49 -10.56
C ARG A 331 -21.98 -12.02 -10.86
N GLY A 332 -22.96 -11.28 -11.36
CA GLY A 332 -22.77 -9.88 -11.73
C GLY A 332 -21.66 -9.74 -12.74
N LEU A 333 -20.76 -8.79 -12.54
CA LEU A 333 -19.65 -8.55 -13.48
C LEU A 333 -18.34 -9.19 -13.00
N MET A 334 -18.44 -10.30 -12.30
CA MET A 334 -17.26 -11.13 -11.99
C MET A 334 -17.60 -12.48 -12.62
N LEU A 335 -17.23 -12.65 -13.88
CA LEU A 335 -17.67 -13.86 -14.63
C LEU A 335 -16.50 -14.63 -15.24
N GLY A 336 -16.63 -15.94 -15.25
CA GLY A 336 -15.64 -16.80 -15.91
C GLY A 336 -16.28 -17.58 -17.05
N VAL A 337 -15.86 -17.30 -18.28
CA VAL A 337 -16.37 -18.06 -19.46
C VAL A 337 -15.56 -19.34 -19.62
N VAL A 338 -16.17 -20.47 -19.29
CA VAL A 338 -15.52 -21.80 -19.47
C VAL A 338 -15.59 -22.17 -20.96
N LEU A 339 -14.46 -22.50 -21.55
CA LEU A 339 -14.37 -22.78 -23.01
C LEU A 339 -14.25 -24.28 -23.28
N GLU A 340 -14.71 -24.71 -24.45
CA GLU A 340 -14.59 -26.12 -24.90
C GLU A 340 -13.11 -26.48 -25.04
N ARG A 341 -12.34 -25.65 -25.73
CA ARG A 341 -10.91 -25.94 -25.98
C ARG A 341 -10.03 -25.08 -25.09
N ASP A 342 -8.83 -25.56 -24.76
CA ASP A 342 -7.86 -24.76 -23.98
C ASP A 342 -7.29 -23.64 -24.88
N VAL A 343 -8.08 -22.61 -25.21
CA VAL A 343 -7.66 -21.56 -26.18
C VAL A 343 -7.84 -20.17 -25.58
N ALA A 344 -7.89 -20.05 -24.26
CA ALA A 344 -8.15 -18.76 -23.60
C ALA A 344 -7.03 -17.76 -23.77
N LYS A 345 -5.77 -18.20 -23.69
CA LYS A 345 -4.61 -17.29 -23.81
C LYS A 345 -4.60 -16.65 -25.19
N GLN A 346 -4.94 -17.42 -26.22
CA GLN A 346 -4.93 -16.94 -27.62
C GLN A 346 -6.10 -15.98 -27.85
N ALA A 347 -7.22 -16.20 -27.16
CA ALA A 347 -8.39 -15.31 -27.27
C ALA A 347 -8.05 -13.91 -26.75
N VAL A 348 -7.24 -13.84 -25.70
CA VAL A 348 -6.81 -12.53 -25.15
C VAL A 348 -5.93 -11.82 -26.19
N LEU A 349 -5.03 -12.54 -26.84
CA LEU A 349 -4.11 -11.95 -27.85
C LEU A 349 -4.83 -11.60 -29.16
N ASP A 350 -5.88 -12.34 -29.53
CA ASP A 350 -6.65 -12.07 -30.77
C ASP A 350 -7.88 -11.21 -30.49
N GLY A 351 -8.17 -10.97 -29.22
CA GLY A 351 -9.30 -10.09 -28.86
C GLY A 351 -9.00 -8.65 -29.17
N PHE A 352 -7.72 -8.26 -29.12
CA PHE A 352 -7.32 -6.85 -29.36
C PHE A 352 -7.74 -6.43 -30.77
N LYS A 353 -7.71 -7.37 -31.72
CA LYS A 353 -8.06 -7.10 -33.12
C LYS A 353 -9.58 -6.92 -33.25
N HIS A 354 -10.33 -7.55 -32.34
CA HIS A 354 -11.80 -7.45 -32.34
C HIS A 354 -12.26 -6.29 -31.46
N GLY A 355 -11.34 -5.46 -30.97
CA GLY A 355 -11.65 -4.27 -30.16
C GLY A 355 -11.93 -4.60 -28.72
N VAL A 356 -11.28 -5.62 -28.18
CA VAL A 356 -11.63 -6.10 -26.83
C VAL A 356 -10.40 -6.49 -26.00
N ILE A 357 -10.37 -6.10 -24.74
CA ILE A 357 -9.25 -6.47 -23.81
C ILE A 357 -9.74 -7.61 -22.91
N LEU A 358 -9.20 -8.80 -23.11
CA LEU A 358 -9.66 -9.96 -22.34
C LEU A 358 -8.62 -10.35 -21.29
N ASN A 359 -8.92 -11.41 -20.55
CA ASN A 359 -7.99 -11.93 -19.52
C ASN A 359 -8.26 -13.42 -19.44
N ALA A 360 -7.22 -14.22 -19.29
CA ALA A 360 -7.38 -15.68 -19.25
C ALA A 360 -6.69 -16.24 -18.01
N PRO A 361 -7.41 -16.44 -16.90
CA PRO A 361 -6.82 -16.98 -15.68
C PRO A 361 -6.39 -18.44 -15.85
N ALA A 362 -6.91 -19.10 -16.89
CA ALA A 362 -6.54 -20.49 -17.19
C ALA A 362 -6.55 -20.71 -18.69
N ASP A 363 -6.43 -21.96 -19.10
CA ASP A 363 -6.34 -22.31 -20.54
C ASP A 363 -7.76 -22.42 -21.08
N ASN A 364 -8.71 -22.77 -20.21
CA ASN A 364 -10.12 -22.94 -20.64
C ASN A 364 -11.00 -21.82 -20.06
N ILE A 365 -10.42 -20.81 -19.46
CA ILE A 365 -11.28 -19.79 -18.78
C ILE A 365 -10.92 -18.36 -19.17
N ILE A 366 -11.91 -17.60 -19.63
CA ILE A 366 -11.74 -16.15 -19.91
C ILE A 366 -12.47 -15.41 -18.78
N ARG A 367 -11.76 -14.57 -18.04
CA ARG A 367 -12.39 -13.78 -16.96
C ARG A 367 -12.93 -12.46 -17.48
N LEU A 368 -14.18 -12.18 -17.15
CA LEU A 368 -14.79 -10.90 -17.50
C LEU A 368 -14.96 -10.13 -16.20
N THR A 369 -14.14 -9.11 -16.00
CA THR A 369 -14.28 -8.24 -14.82
C THR A 369 -14.41 -6.80 -15.33
N PRO A 370 -15.44 -6.47 -16.14
CA PRO A 370 -15.52 -5.15 -16.72
C PRO A 370 -15.90 -4.03 -15.76
N PRO A 371 -15.65 -2.75 -16.11
CA PRO A 371 -16.18 -1.66 -15.33
C PRO A 371 -17.69 -1.86 -15.16
N LEU A 372 -18.21 -1.67 -13.96
CA LEU A 372 -19.63 -1.90 -13.64
C LEU A 372 -20.52 -0.89 -14.35
N VAL A 373 -19.92 0.16 -14.91
CA VAL A 373 -20.63 1.21 -15.68
C VAL A 373 -20.84 0.77 -17.13
N ILE A 374 -20.33 -0.40 -17.53
CA ILE A 374 -20.49 -0.95 -18.91
C ILE A 374 -21.96 -0.91 -19.36
N THR A 375 -22.17 -0.51 -20.61
CA THR A 375 -23.55 -0.42 -21.15
C THR A 375 -24.00 -1.77 -21.68
N ASP A 376 -25.29 -1.94 -21.89
CA ASP A 376 -25.86 -3.19 -22.47
C ASP A 376 -25.36 -3.37 -23.89
N GLU A 377 -25.28 -2.28 -24.65
CA GLU A 377 -24.75 -2.31 -26.03
C GLU A 377 -23.29 -2.76 -26.02
N GLU A 378 -22.49 -2.26 -25.09
CA GLU A 378 -21.08 -2.71 -24.98
C GLU A 378 -21.03 -4.19 -24.62
N ILE A 379 -21.96 -4.68 -23.80
CA ILE A 379 -22.00 -6.12 -23.42
C ILE A 379 -22.34 -6.93 -24.68
N ALA A 380 -23.29 -6.46 -25.47
CA ALA A 380 -23.68 -7.13 -26.73
C ALA A 380 -22.53 -7.12 -27.76
N ASP A 381 -21.84 -5.99 -27.92
CA ASP A 381 -20.68 -5.91 -28.85
C ASP A 381 -19.55 -6.80 -28.34
N ALA A 382 -19.35 -6.88 -27.03
CA ALA A 382 -18.28 -7.71 -26.42
C ALA A 382 -18.53 -9.20 -26.62
N VAL A 383 -19.77 -9.65 -26.47
CA VAL A 383 -20.13 -11.08 -26.68
C VAL A 383 -19.87 -11.45 -28.14
N LYS A 384 -20.25 -10.59 -29.07
CA LYS A 384 -20.01 -10.83 -30.51
C LYS A 384 -18.50 -10.87 -30.77
N ALA A 385 -17.74 -10.02 -30.10
CA ALA A 385 -16.28 -9.97 -30.28
C ALA A 385 -15.67 -11.28 -29.80
N ILE A 386 -16.12 -11.79 -28.65
CA ILE A 386 -15.58 -13.05 -28.08
C ILE A 386 -15.94 -14.19 -29.03
N ALA A 387 -17.14 -14.18 -29.59
CA ALA A 387 -17.62 -15.23 -30.51
C ALA A 387 -16.78 -15.27 -31.80
N GLU A 388 -16.45 -14.12 -32.35
CA GLU A 388 -15.73 -14.06 -33.65
C GLU A 388 -14.23 -14.14 -33.41
N THR A 389 -13.80 -14.14 -32.15
CA THR A 389 -12.37 -14.33 -31.83
C THR A 389 -12.17 -15.83 -31.68
N ILE A 390 -13.07 -16.49 -30.96
CA ILE A 390 -12.94 -17.96 -30.71
C ILE A 390 -13.29 -18.73 -31.98
N ALA A 391 -14.19 -18.20 -32.80
CA ALA A 391 -14.46 -18.81 -34.12
C ALA A 391 -13.32 -18.44 -35.07
N SER B 2 -18.23 17.10 13.56
CA SER B 2 -18.87 15.84 13.13
C SER B 2 -17.77 14.81 12.81
N THR B 3 -16.63 15.22 12.23
CA THR B 3 -15.48 14.35 11.84
C THR B 3 -14.92 13.69 13.09
N LEU B 4 -14.48 14.49 14.07
CA LEU B 4 -13.89 14.00 15.34
C LEU B 4 -14.94 13.26 16.19
N GLU B 5 -16.21 13.60 16.07
CA GLU B 5 -17.29 12.92 16.84
C GLU B 5 -17.60 11.55 16.21
N THR B 6 -17.45 11.41 14.90
CA THR B 6 -17.77 10.16 14.17
C THR B 6 -16.55 9.24 14.18
N TRP B 7 -15.34 9.79 14.11
CA TRP B 7 -14.08 8.99 14.12
C TRP B 7 -14.14 7.77 15.04
N PRO B 8 -14.34 7.89 16.38
CA PRO B 8 -14.26 6.73 17.29
C PRO B 8 -15.31 5.66 16.98
N GLN B 9 -16.42 6.07 16.37
CA GLN B 9 -17.52 5.15 16.04
C GLN B 9 -17.25 4.38 14.75
N VAL B 10 -16.24 4.78 13.99
CA VAL B 10 -16.06 4.18 12.65
C VAL B 10 -14.63 3.71 12.38
N ILE B 11 -13.65 4.12 13.19
CA ILE B 11 -12.22 3.80 12.89
C ILE B 11 -11.67 2.90 14.00
N ILE B 12 -11.07 1.78 13.59
CA ILE B 12 -10.39 0.84 14.53
C ILE B 12 -9.42 1.67 15.38
N ASN B 13 -9.43 1.43 16.70
CA ASN B 13 -8.67 2.23 17.68
C ASN B 13 -7.17 1.85 17.65
N THR B 14 -6.51 1.95 16.48
CA THR B 14 -5.06 1.72 16.30
C THR B 14 -4.26 2.98 16.67
N TYR B 15 -4.90 4.15 16.63
CA TYR B 15 -4.25 5.48 16.76
C TYR B 15 -4.96 6.36 17.82
N GLY B 16 -5.97 5.84 18.52
CA GLY B 16 -6.83 6.69 19.37
C GLY B 16 -7.62 7.68 18.52
N THR B 17 -8.38 8.57 19.15
CA THR B 17 -9.04 9.73 18.50
C THR B 17 -8.04 10.89 18.42
N PRO B 18 -7.69 11.38 17.22
CA PRO B 18 -6.81 12.55 17.12
C PRO B 18 -7.36 13.77 17.88
N PRO B 19 -6.49 14.68 18.40
CA PRO B 19 -6.94 15.89 19.08
C PRO B 19 -7.41 17.01 18.13
N VAL B 20 -7.23 16.80 16.82
CA VAL B 20 -7.20 17.89 15.80
C VAL B 20 -7.66 17.30 14.47
N GLU B 21 -8.66 17.94 13.84
CA GLU B 21 -9.08 17.72 12.43
C GLU B 21 -8.46 18.81 11.56
N LEU B 22 -7.53 18.43 10.68
CA LEU B 22 -6.97 19.33 9.63
C LEU B 22 -7.95 19.37 8.44
N VAL B 23 -8.13 20.55 7.82
CA VAL B 23 -9.08 20.74 6.69
C VAL B 23 -8.35 21.20 5.43
N SER B 24 -7.28 22.01 5.58
CA SER B 24 -6.48 22.59 4.47
C SER B 24 -5.07 22.96 4.95
N GLY B 25 -4.15 23.06 4.00
CA GLY B 25 -2.74 23.46 4.19
C GLY B 25 -2.13 24.06 2.94
N LYS B 26 -1.02 24.79 3.09
CA LYS B 26 -0.21 25.33 1.96
C LYS B 26 1.21 25.55 2.44
N GLY B 27 2.21 25.23 1.60
CA GLY B 27 3.64 25.27 1.92
C GLY B 27 3.91 24.58 3.25
N ALA B 28 4.36 25.36 4.22
CA ALA B 28 4.83 24.93 5.55
C ALA B 28 3.75 25.17 6.64
N THR B 29 2.49 25.38 6.26
CA THR B 29 1.33 25.63 7.15
C THR B 29 0.20 24.63 6.85
N VAL B 30 -0.63 24.35 7.86
CA VAL B 30 -1.91 23.57 7.79
C VAL B 30 -2.93 24.30 8.66
N THR B 31 -4.21 24.13 8.36
CA THR B 31 -5.33 24.78 9.08
C THR B 31 -6.34 23.71 9.46
N ASP B 32 -6.81 23.79 10.71
CA ASP B 32 -7.79 22.86 11.32
C ASP B 32 -9.21 23.37 11.06
N ASP B 33 -10.21 22.62 11.51
CA ASP B 33 -11.63 22.85 11.16
C ASP B 33 -12.19 24.04 11.95
N GLN B 34 -11.37 24.66 12.80
CA GLN B 34 -11.78 25.86 13.57
C GLN B 34 -11.10 27.06 12.93
N GLY B 35 -10.21 26.81 11.97
CA GLY B 35 -9.58 27.89 11.20
C GLY B 35 -8.27 28.35 11.80
N ASN B 36 -7.86 27.84 12.97
CA ASN B 36 -6.49 28.05 13.50
C ASN B 36 -5.49 27.52 12.46
N VAL B 37 -4.43 28.27 12.22
CA VAL B 37 -3.31 27.94 11.29
C VAL B 37 -2.08 27.68 12.15
N TYR B 38 -1.28 26.67 11.78
CA TYR B 38 -0.02 26.27 12.46
C TYR B 38 1.09 26.18 11.42
N ILE B 39 2.31 26.46 11.84
CA ILE B 39 3.51 26.02 11.07
C ILE B 39 3.59 24.49 11.24
N ASP B 40 3.60 23.74 10.13
CA ASP B 40 3.72 22.26 10.14
C ASP B 40 5.20 21.84 10.20
N LEU B 41 5.67 21.34 11.33
CA LEU B 41 7.09 20.91 11.46
C LEU B 41 7.18 19.37 11.44
N LEU B 42 6.11 18.71 10.93
CA LEU B 42 5.99 17.22 10.90
C LEU B 42 5.68 16.70 9.49
N ALA B 43 4.94 17.43 8.64
CA ALA B 43 4.55 17.02 7.26
C ALA B 43 3.98 15.59 7.21
N GLY B 44 3.17 15.22 8.19
CA GLY B 44 2.59 13.86 8.29
C GLY B 44 3.66 12.83 8.46
N ILE B 45 4.70 13.16 9.20
CA ILE B 45 5.90 12.28 9.34
C ILE B 45 6.69 12.27 8.04
N ALA B 46 7.21 13.42 7.61
CA ALA B 46 8.10 13.53 6.45
C ALA B 46 7.50 13.04 5.13
N VAL B 47 6.21 13.31 4.91
CA VAL B 47 5.51 12.84 3.68
C VAL B 47 5.39 14.02 2.68
N ASN B 48 4.96 15.19 3.14
CA ASN B 48 4.55 16.32 2.26
C ASN B 48 5.77 17.18 1.95
N ALA B 49 6.72 16.62 1.21
CA ALA B 49 7.98 17.30 0.86
C ALA B 49 7.63 18.72 0.40
N LEU B 50 6.50 18.93 -0.30
CA LEU B 50 6.23 20.26 -0.92
C LEU B 50 5.04 20.97 -0.25
N GLY B 51 4.51 20.44 0.85
CA GLY B 51 3.32 21.01 1.52
C GLY B 51 2.01 20.51 0.90
N HIS B 52 0.88 20.93 1.46
CA HIS B 52 -0.47 20.67 0.90
C HIS B 52 -0.72 21.55 -0.32
N ALA B 53 -1.38 20.99 -1.34
CA ALA B 53 -1.93 21.73 -2.50
C ALA B 53 -0.81 22.51 -3.19
N HIS B 54 0.37 21.91 -3.38
CA HIS B 54 1.45 22.55 -4.17
C HIS B 54 0.97 22.58 -5.62
N PRO B 55 1.10 23.73 -6.33
CA PRO B 55 0.55 23.86 -7.68
C PRO B 55 1.00 22.74 -8.62
N ALA B 56 2.28 22.36 -8.59
CA ALA B 56 2.86 21.29 -9.43
C ALA B 56 2.05 19.99 -9.25
N ILE B 57 1.68 19.65 -8.00
CA ILE B 57 0.97 18.39 -7.63
C ILE B 57 -0.51 18.52 -8.03
N ILE B 58 -1.10 19.71 -7.87
CA ILE B 58 -2.50 19.99 -8.28
C ILE B 58 -2.65 19.76 -9.79
N GLU B 59 -1.85 20.43 -10.62
CA GLU B 59 -1.85 20.29 -12.10
C GLU B 59 -1.62 18.81 -12.46
N ALA B 60 -0.54 18.21 -11.96
CA ALA B 60 -0.09 16.83 -12.28
C ALA B 60 -1.25 15.85 -12.10
N VAL B 61 -1.92 15.90 -10.94
CA VAL B 61 -2.97 14.93 -10.50
C VAL B 61 -4.29 15.25 -11.20
N THR B 62 -4.71 16.53 -11.23
CA THR B 62 -5.96 16.95 -11.92
C THR B 62 -5.85 16.53 -13.39
N ASN B 63 -4.67 16.67 -14.01
CA ASN B 63 -4.48 16.34 -15.44
C ASN B 63 -4.59 14.81 -15.62
N GLN B 64 -3.97 14.03 -14.74
CA GLN B 64 -3.88 12.55 -14.86
C GLN B 64 -5.22 11.90 -14.51
N ILE B 65 -5.99 12.46 -13.57
CA ILE B 65 -7.26 11.76 -13.18
C ILE B 65 -8.28 11.87 -14.31
N GLY B 66 -8.14 12.85 -15.19
CA GLY B 66 -9.09 13.04 -16.29
C GLY B 66 -8.66 12.34 -17.56
N GLN B 67 -7.54 11.63 -17.50
CA GLN B 67 -7.07 10.86 -18.67
C GLN B 67 -7.12 9.38 -18.34
N LEU B 68 -6.43 8.98 -17.28
CA LEU B 68 -6.30 7.55 -16.96
C LEU B 68 -5.83 7.36 -15.53
N GLY B 69 -6.58 6.60 -14.75
CA GLY B 69 -6.11 6.24 -13.40
C GLY B 69 -5.56 4.83 -13.46
N HIS B 70 -5.86 4.01 -12.47
CA HIS B 70 -5.30 2.63 -12.41
C HIS B 70 -5.37 1.86 -13.71
N VAL B 71 -4.23 1.35 -14.10
CA VAL B 71 -4.15 0.45 -15.26
C VAL B 71 -3.17 -0.57 -14.67
N SER B 72 -3.44 -1.86 -14.74
CA SER B 72 -2.58 -2.86 -14.07
C SER B 72 -1.18 -2.90 -14.67
N ASN B 73 -0.28 -3.71 -14.11
CA ASN B 73 1.09 -3.89 -14.66
C ASN B 73 1.03 -4.83 -15.84
N LEU B 74 -0.17 -5.31 -16.17
CA LEU B 74 -0.44 -6.00 -17.46
C LEU B 74 -0.26 -5.00 -18.59
N PHE B 75 -0.26 -3.70 -18.26
CA PHE B 75 -0.16 -2.57 -19.21
C PHE B 75 0.92 -1.60 -18.74
N ALA B 76 1.47 -0.82 -19.68
CA ALA B 76 2.39 0.32 -19.41
C ALA B 76 1.62 1.65 -19.43
N SER B 77 2.07 2.60 -18.60
CA SER B 77 1.63 4.00 -18.67
C SER B 77 2.86 4.88 -18.48
N ARG B 78 2.82 6.11 -18.96
CA ARG B 78 3.96 7.06 -19.02
C ARG B 78 4.47 7.33 -17.60
N PRO B 79 3.62 7.82 -16.67
CA PRO B 79 4.11 8.32 -15.38
C PRO B 79 5.06 7.36 -14.66
N VAL B 80 4.77 6.05 -14.64
CA VAL B 80 5.64 5.07 -13.92
C VAL B 80 7.05 5.14 -14.50
N VAL B 81 7.22 4.91 -15.81
CA VAL B 81 8.59 4.73 -16.40
C VAL B 81 9.37 6.02 -16.15
N GLU B 82 8.75 7.18 -16.21
CA GLU B 82 9.44 8.50 -16.06
C GLU B 82 9.95 8.68 -14.61
N VAL B 83 9.12 8.35 -13.60
CA VAL B 83 9.51 8.37 -12.16
C VAL B 83 10.68 7.38 -12.01
N ALA B 84 10.54 6.15 -12.52
CA ALA B 84 11.61 5.12 -12.43
C ALA B 84 12.91 5.67 -13.04
N GLU B 85 12.83 6.17 -14.27
CA GLU B 85 13.98 6.78 -15.00
C GLU B 85 14.57 7.90 -14.14
N GLU B 86 13.72 8.76 -13.57
CA GLU B 86 14.17 9.93 -12.77
C GLU B 86 14.83 9.46 -11.47
N LEU B 87 14.30 8.44 -10.77
CA LEU B 87 14.86 7.90 -9.50
C LEU B 87 16.19 7.17 -9.75
N ILE B 88 16.32 6.46 -10.87
CA ILE B 88 17.58 5.76 -11.29
C ILE B 88 18.64 6.82 -11.61
N LYS B 89 18.28 7.92 -12.27
CA LYS B 89 19.25 9.02 -12.51
C LYS B 89 19.74 9.59 -11.17
N ARG B 90 18.84 9.92 -10.22
CA ARG B 90 19.24 10.44 -8.89
C ARG B 90 20.10 9.42 -8.18
N PHE B 91 19.75 8.14 -8.25
CA PHE B 91 20.44 7.03 -7.55
C PHE B 91 21.89 6.89 -8.04
N SER B 92 22.10 7.09 -9.36
CA SER B 92 23.27 6.65 -10.17
C SER B 92 24.37 7.73 -10.26
N LEU B 93 24.02 9.01 -10.13
CA LEU B 93 24.98 10.15 -10.05
C LEU B 93 25.86 10.18 -11.31
N ASP B 94 25.25 10.14 -12.49
CA ASP B 94 25.92 10.28 -13.82
C ASP B 94 26.86 9.09 -14.13
N ASP B 95 26.82 8.00 -13.35
CA ASP B 95 27.54 6.72 -13.68
C ASP B 95 26.60 5.77 -14.44
N ALA B 96 26.61 5.85 -15.77
CA ALA B 96 25.56 5.32 -16.67
C ALA B 96 25.60 3.79 -16.75
N THR B 97 26.66 3.17 -16.21
CA THR B 97 26.76 1.70 -16.02
C THR B 97 25.84 1.33 -14.85
N LEU B 98 26.03 2.03 -13.72
CA LEU B 98 25.25 1.83 -12.47
C LEU B 98 23.76 2.02 -12.77
N ALA B 99 23.42 2.94 -13.68
CA ALA B 99 22.03 3.24 -14.10
C ALA B 99 21.48 2.09 -14.93
N ALA B 100 22.32 1.48 -15.77
CA ALA B 100 21.89 0.45 -16.73
C ALA B 100 21.66 -0.88 -16.02
N GLN B 101 22.15 -1.02 -14.79
CA GLN B 101 22.12 -2.25 -13.97
C GLN B 101 21.06 -2.15 -12.87
N THR B 102 20.43 -0.96 -12.78
CA THR B 102 19.41 -0.67 -11.75
C THR B 102 17.99 -0.65 -12.29
N ARG B 103 17.06 -1.15 -11.49
CA ARG B 103 15.63 -1.26 -11.85
C ARG B 103 14.81 -0.86 -10.60
N VAL B 104 13.56 -0.47 -10.80
CA VAL B 104 12.63 -0.09 -9.70
C VAL B 104 11.34 -0.92 -9.81
N PHE B 105 10.93 -1.52 -8.70
CA PHE B 105 9.56 -2.08 -8.48
C PHE B 105 8.76 -1.06 -7.67
N PHE B 106 7.58 -0.65 -8.19
CA PHE B 106 6.67 0.31 -7.52
C PHE B 106 5.61 -0.42 -6.72
N CYS B 107 5.27 0.17 -5.57
CA CYS B 107 4.23 -0.32 -4.61
C CYS B 107 3.57 0.91 -3.96
N ASN B 108 2.95 0.78 -2.79
CA ASN B 108 2.02 1.83 -2.28
C ASN B 108 2.41 2.34 -0.89
N SER B 109 3.57 1.94 -0.33
CA SER B 109 3.98 2.24 1.07
C SER B 109 5.44 1.84 1.34
N GLY B 110 6.03 2.37 2.41
CA GLY B 110 7.33 1.91 2.91
C GLY B 110 7.29 0.43 3.24
N ALA B 111 6.23 0.00 3.91
CA ALA B 111 6.00 -1.38 4.37
C ALA B 111 6.11 -2.29 3.15
N GLU B 112 5.34 -1.99 2.08
CA GLU B 112 5.32 -2.79 0.81
C GLU B 112 6.70 -2.79 0.16
N ALA B 113 7.44 -1.68 0.26
CA ALA B 113 8.75 -1.53 -0.37
C ALA B 113 9.78 -2.42 0.37
N ASN B 114 9.67 -2.48 1.70
CA ASN B 114 10.58 -3.30 2.52
C ASN B 114 10.17 -4.77 2.34
N GLU B 115 8.89 -5.02 2.08
CA GLU B 115 8.35 -6.39 1.83
C GLU B 115 9.06 -6.91 0.58
N ALA B 116 9.12 -6.08 -0.47
CA ALA B 116 9.80 -6.42 -1.74
C ALA B 116 11.30 -6.67 -1.47
N ALA B 117 11.99 -5.78 -0.76
CA ALA B 117 13.40 -5.94 -0.31
C ALA B 117 13.57 -7.23 0.49
N PHE B 118 12.73 -7.47 1.51
CA PHE B 118 12.75 -8.73 2.31
C PHE B 118 12.76 -9.93 1.35
N LYS B 119 11.95 -9.86 0.28
CA LYS B 119 11.75 -10.99 -0.68
C LYS B 119 13.00 -11.12 -1.56
N ILE B 120 13.58 -9.98 -1.96
CA ILE B 120 14.89 -9.96 -2.67
C ILE B 120 15.87 -10.72 -1.80
N ALA B 121 15.87 -10.47 -0.48
CA ALA B 121 16.78 -11.13 0.48
C ALA B 121 16.51 -12.63 0.50
N ARG B 122 15.26 -13.07 0.56
CA ARG B 122 14.93 -14.51 0.63
C ARG B 122 15.37 -15.20 -0.65
N LEU B 123 15.45 -14.46 -1.75
CA LEU B 123 15.81 -14.97 -3.08
C LEU B 123 17.32 -15.12 -3.20
N THR B 124 18.08 -14.82 -2.15
CA THR B 124 19.54 -15.02 -2.13
C THR B 124 19.83 -16.50 -1.85
N GLY B 125 18.85 -17.27 -1.36
CA GLY B 125 19.08 -18.62 -0.86
C GLY B 125 19.64 -18.65 0.56
N ARG B 126 20.06 -17.49 1.09
CA ARG B 126 20.59 -17.29 2.48
C ARG B 126 19.45 -16.98 3.46
N SER B 127 19.62 -17.39 4.73
CA SER B 127 18.55 -17.43 5.75
C SER B 127 18.58 -16.19 6.67
N ARG B 128 19.76 -15.64 6.96
CA ARG B 128 19.94 -14.57 7.98
C ARG B 128 19.75 -13.20 7.32
N ILE B 129 18.95 -12.34 7.95
CA ILE B 129 18.77 -10.91 7.60
C ILE B 129 19.06 -10.14 8.89
N LEU B 130 19.95 -9.15 8.82
CA LEU B 130 20.39 -8.34 9.98
C LEU B 130 19.77 -6.95 9.89
N ALA B 131 19.11 -6.50 10.94
CA ALA B 131 18.41 -5.20 10.98
C ALA B 131 18.88 -4.46 12.24
N ALA B 132 18.70 -3.14 12.32
CA ALA B 132 19.14 -2.31 13.48
C ALA B 132 18.10 -2.36 14.62
N VAL B 133 18.60 -2.36 15.87
CA VAL B 133 17.83 -2.06 17.10
C VAL B 133 17.30 -0.63 16.95
N HIS B 134 16.06 -0.38 17.36
CA HIS B 134 15.31 0.90 17.18
C HIS B 134 15.03 1.19 15.69
N GLY B 135 15.51 0.37 14.75
CA GLY B 135 15.16 0.48 13.31
C GLY B 135 13.68 0.25 13.07
N PHE B 136 13.12 0.89 12.05
CA PHE B 136 11.67 0.85 11.70
C PHE B 136 11.49 0.75 10.18
N HIS B 137 11.00 -0.39 9.71
CA HIS B 137 10.89 -0.78 8.29
C HIS B 137 9.43 -1.00 7.88
N GLY B 138 8.48 -1.05 8.82
CA GLY B 138 7.04 -1.18 8.48
C GLY B 138 6.34 -2.20 9.34
N ARG B 139 5.01 -2.31 9.19
CA ARG B 139 4.12 -2.98 10.16
C ARG B 139 3.37 -4.16 9.51
N THR B 140 3.62 -4.48 8.24
CA THR B 140 3.25 -5.81 7.64
C THR B 140 4.23 -6.85 8.20
N MET B 141 3.92 -8.14 8.02
CA MET B 141 4.59 -9.26 8.73
C MET B 141 6.08 -9.33 8.37
N GLY B 142 6.45 -9.08 7.11
CA GLY B 142 7.84 -9.07 6.65
C GLY B 142 8.55 -7.81 7.11
N SER B 143 7.92 -6.65 6.93
CA SER B 143 8.56 -5.35 7.27
C SER B 143 8.62 -5.21 8.80
N LEU B 144 7.61 -5.74 9.50
CA LEU B 144 7.57 -5.83 10.99
C LEU B 144 8.68 -6.76 11.51
N ALA B 145 8.86 -7.91 10.86
CA ALA B 145 9.99 -8.85 11.09
C ALA B 145 11.28 -8.06 11.20
N LEU B 146 11.50 -7.12 10.26
CA LEU B 146 12.74 -6.32 10.06
C LEU B 146 12.83 -5.19 11.09
N THR B 147 11.77 -4.92 11.85
CA THR B 147 11.67 -3.75 12.76
C THR B 147 12.22 -4.11 14.15
N GLY B 148 13.27 -3.39 14.57
CA GLY B 148 14.02 -3.63 15.83
C GLY B 148 13.39 -2.96 17.04
N GLN B 149 12.08 -3.12 17.16
CA GLN B 149 11.22 -2.64 18.27
C GLN B 149 10.44 -3.85 18.76
N PRO B 150 10.96 -4.58 19.78
CA PRO B 150 10.27 -5.75 20.35
C PRO B 150 8.77 -5.56 20.64
N ASP B 151 8.40 -4.44 21.27
CA ASP B 151 7.01 -4.22 21.73
C ASP B 151 6.06 -4.11 20.53
N LYS B 152 6.53 -3.73 19.33
CA LYS B 152 5.71 -3.70 18.08
C LYS B 152 5.54 -5.11 17.50
N ARG B 153 6.44 -6.05 17.77
CA ARG B 153 6.39 -7.39 17.14
C ARG B 153 5.79 -8.45 18.07
N GLU B 154 5.86 -8.27 19.38
CA GLU B 154 5.51 -9.33 20.37
C GLU B 154 4.10 -9.91 20.22
N ALA B 155 3.12 -9.07 19.95
CA ALA B 155 1.73 -9.54 19.85
C ALA B 155 1.51 -10.29 18.55
N PHE B 156 2.50 -10.40 17.66
CA PHE B 156 2.24 -10.95 16.31
C PHE B 156 3.08 -12.17 16.00
N LEU B 157 3.72 -12.73 17.01
CA LEU B 157 4.59 -13.91 16.82
C LEU B 157 3.74 -15.16 16.55
N PRO B 158 4.19 -16.11 15.71
CA PRO B 158 5.50 -16.06 15.04
C PRO B 158 5.75 -15.15 13.82
N MET B 159 6.89 -14.46 13.84
CA MET B 159 7.32 -13.61 12.71
C MET B 159 7.91 -14.43 11.59
N PRO B 160 8.00 -13.93 10.34
CA PRO B 160 8.76 -14.61 9.31
C PRO B 160 10.18 -14.74 9.90
N SER B 161 10.75 -15.93 9.84
CA SER B 161 12.04 -16.21 10.49
C SER B 161 13.26 -15.67 9.76
N GLY B 162 14.27 -15.28 10.53
CA GLY B 162 15.58 -14.99 9.92
C GLY B 162 16.14 -13.65 10.37
N VAL B 163 15.38 -12.86 11.12
CA VAL B 163 15.83 -11.49 11.47
C VAL B 163 16.59 -11.55 12.80
N GLU B 164 17.73 -10.87 12.80
CA GLU B 164 18.60 -10.67 13.98
C GLU B 164 18.93 -9.18 14.01
N PHE B 165 19.01 -8.62 15.22
CA PHE B 165 19.16 -7.17 15.47
C PHE B 165 20.56 -6.89 16.03
N TYR B 166 21.15 -5.83 15.52
CA TYR B 166 22.48 -5.29 15.90
C TYR B 166 22.31 -3.87 16.42
N PRO B 167 23.17 -3.42 17.35
CA PRO B 167 23.18 -2.01 17.75
C PRO B 167 23.60 -1.09 16.58
N TYR B 168 22.73 -0.14 16.23
CA TYR B 168 23.01 0.92 15.24
C TYR B 168 24.41 1.52 15.47
N GLY B 169 25.28 1.44 14.45
CA GLY B 169 26.56 2.15 14.39
C GLY B 169 27.71 1.31 14.89
N ASP B 170 27.42 0.23 15.62
CA ASP B 170 28.44 -0.64 16.24
C ASP B 170 28.98 -1.59 15.17
N THR B 171 30.04 -1.15 14.50
CA THR B 171 30.75 -1.76 13.34
C THR B 171 31.27 -3.13 13.75
N ASP B 172 31.98 -3.18 14.88
CA ASP B 172 32.74 -4.37 15.36
C ASP B 172 31.72 -5.45 15.72
N TYR B 173 30.61 -5.04 16.34
CA TYR B 173 29.49 -5.95 16.69
C TYR B 173 28.93 -6.55 15.42
N LEU B 174 28.62 -5.71 14.41
CA LEU B 174 27.96 -6.16 13.17
C LEU B 174 28.91 -7.08 12.38
N ARG B 175 30.18 -6.67 12.24
CA ARG B 175 31.29 -7.50 11.69
C ARG B 175 31.29 -8.88 12.37
N LYS B 176 31.25 -8.91 13.71
CA LYS B 176 31.31 -10.16 14.51
C LYS B 176 30.05 -11.00 14.28
N MET B 177 28.89 -10.33 14.26
CA MET B 177 27.57 -10.95 14.02
C MET B 177 27.59 -11.67 12.68
N VAL B 178 28.07 -10.98 11.64
CA VAL B 178 28.20 -11.56 10.27
C VAL B 178 29.10 -12.79 10.36
N GLU B 179 30.24 -12.67 11.04
CA GLU B 179 31.36 -13.66 11.03
C GLU B 179 30.99 -14.94 11.78
N THR B 180 29.83 -14.99 12.44
CA THR B 180 29.32 -16.22 13.10
C THR B 180 28.84 -17.19 12.01
N ASN B 181 28.45 -16.70 10.84
CA ASN B 181 27.98 -17.49 9.68
C ASN B 181 27.91 -16.52 8.50
N PRO B 182 29.05 -16.07 7.93
CA PRO B 182 29.04 -15.02 6.90
C PRO B 182 28.40 -15.26 5.51
N THR B 183 28.45 -16.50 5.03
CA THR B 183 27.96 -16.86 3.69
C THR B 183 26.47 -17.12 3.81
N ASP B 184 25.94 -17.03 5.02
CA ASP B 184 24.49 -17.26 5.25
C ASP B 184 23.81 -15.95 5.69
N VAL B 185 24.41 -14.79 5.37
CA VAL B 185 23.75 -13.47 5.53
C VAL B 185 23.29 -12.96 4.16
N ALA B 186 21.98 -12.94 3.94
CA ALA B 186 21.30 -12.48 2.72
C ALA B 186 21.58 -10.99 2.54
N ALA B 187 21.39 -10.22 3.61
CA ALA B 187 21.19 -8.77 3.57
C ALA B 187 21.37 -8.19 4.97
N ILE B 188 21.98 -7.00 5.01
CA ILE B 188 21.97 -6.05 6.15
C ILE B 188 21.04 -4.89 5.78
N PHE B 189 20.04 -4.63 6.61
CA PHE B 189 19.10 -3.49 6.50
C PHE B 189 19.52 -2.42 7.50
N LEU B 190 19.29 -1.15 7.13
CA LEU B 190 19.59 0.04 7.97
C LEU B 190 18.94 1.30 7.36
N GLU B 191 18.43 2.17 8.23
CA GLU B 191 18.12 3.59 7.91
C GLU B 191 19.45 4.34 7.91
N PRO B 192 19.80 5.09 6.84
CA PRO B 192 20.95 5.99 6.90
C PRO B 192 20.94 6.97 8.10
N ILE B 193 19.73 7.35 8.52
CA ILE B 193 19.45 8.08 9.79
C ILE B 193 18.17 7.48 10.37
N GLN B 194 18.24 6.93 11.59
CA GLN B 194 17.10 6.24 12.22
C GLN B 194 16.02 7.28 12.59
N GLY B 195 14.76 6.97 12.28
CA GLY B 195 13.65 7.95 12.27
C GLY B 195 12.77 7.87 13.51
N GLU B 196 12.10 6.73 13.72
CA GLU B 196 10.87 6.67 14.59
C GLU B 196 11.24 6.70 16.09
N THR B 197 12.51 6.43 16.47
CA THR B 197 12.98 6.51 17.89
C THR B 197 13.80 7.79 18.13
N GLY B 198 13.34 8.91 17.57
CA GLY B 198 14.11 10.17 17.55
C GLY B 198 14.96 10.16 16.30
N VAL B 199 15.96 11.03 16.23
CA VAL B 199 16.73 11.19 14.96
C VAL B 199 18.20 10.85 15.23
N VAL B 200 18.61 9.62 14.98
CA VAL B 200 20.02 9.14 15.17
C VAL B 200 20.64 8.96 13.78
N PRO B 201 21.59 9.83 13.40
CA PRO B 201 22.32 9.63 12.16
C PRO B 201 23.41 8.56 12.28
N ALA B 202 23.63 7.82 11.18
CA ALA B 202 24.73 6.85 11.04
C ALA B 202 26.03 7.56 11.43
N PRO B 203 26.80 7.03 12.40
CA PRO B 203 28.12 7.60 12.71
C PRO B 203 28.96 7.71 11.43
N GLU B 204 29.72 8.79 11.29
CA GLU B 204 30.79 8.94 10.26
C GLU B 204 31.52 7.60 10.14
N GLY B 205 31.56 7.02 8.93
CA GLY B 205 32.37 5.83 8.59
C GLY B 205 31.58 4.53 8.63
N PHE B 206 30.39 4.53 9.22
CA PHE B 206 29.54 3.33 9.43
C PHE B 206 29.01 2.77 8.10
N LEU B 207 28.41 3.60 7.24
CA LEU B 207 27.89 3.13 5.92
C LEU B 207 29.05 2.61 5.05
N LYS B 208 30.22 3.25 5.04
CA LYS B 208 31.41 2.77 4.28
C LYS B 208 31.79 1.36 4.80
N ALA B 209 31.70 1.14 6.11
CA ALA B 209 32.14 -0.08 6.80
C ALA B 209 31.14 -1.19 6.49
N VAL B 210 29.86 -0.82 6.36
CA VAL B 210 28.75 -1.80 6.08
C VAL B 210 28.92 -2.26 4.63
N ARG B 211 29.37 -1.36 3.75
CA ARG B 211 29.62 -1.66 2.31
C ARG B 211 30.82 -2.60 2.18
N GLU B 212 31.96 -2.27 2.80
CA GLU B 212 33.17 -3.15 2.79
C GLU B 212 32.73 -4.54 3.25
N LEU B 213 31.95 -4.63 4.34
CA LEU B 213 31.57 -5.91 4.98
C LEU B 213 30.66 -6.70 4.04
N CYS B 214 29.60 -6.06 3.56
CA CYS B 214 28.66 -6.67 2.60
C CYS B 214 29.47 -7.16 1.37
N ASP B 215 30.44 -6.38 0.90
CA ASP B 215 31.20 -6.67 -0.36
C ASP B 215 31.99 -7.99 -0.18
N GLU B 216 32.70 -8.15 0.94
CA GLU B 216 33.57 -9.34 1.11
C GLU B 216 32.76 -10.62 1.33
N TYR B 217 31.51 -10.59 1.78
CA TYR B 217 30.77 -11.84 2.10
C TYR B 217 29.57 -12.05 1.17
N GLY B 218 29.37 -11.18 0.18
CA GLY B 218 28.27 -11.31 -0.81
C GLY B 218 26.92 -10.95 -0.22
N ILE B 219 26.92 -10.07 0.78
CA ILE B 219 25.68 -9.60 1.48
C ILE B 219 25.15 -8.40 0.70
N LEU B 220 23.82 -8.29 0.55
CA LEU B 220 23.15 -7.09 -0.03
C LEU B 220 23.05 -5.99 1.02
N MET B 221 23.60 -4.84 0.74
CA MET B 221 23.40 -3.64 1.60
C MET B 221 22.08 -2.98 1.21
N ILE B 222 21.17 -2.85 2.16
CA ILE B 222 19.77 -2.40 1.90
C ILE B 222 19.48 -1.18 2.77
N THR B 223 19.50 0.00 2.14
CA THR B 223 19.26 1.31 2.79
C THR B 223 17.76 1.62 2.69
N ASP B 224 17.08 1.62 3.84
CA ASP B 224 15.73 2.21 3.98
C ASP B 224 15.84 3.73 3.96
N GLU B 225 15.44 4.32 2.84
CA GLU B 225 15.40 5.78 2.58
C GLU B 225 13.93 6.30 2.59
N VAL B 226 13.00 5.60 3.24
CA VAL B 226 11.54 5.97 3.20
C VAL B 226 11.28 7.33 3.88
N GLN B 227 11.99 7.63 4.99
CA GLN B 227 11.88 8.91 5.74
C GLN B 227 13.00 9.88 5.31
N THR B 228 14.20 9.36 5.11
CA THR B 228 15.40 10.17 4.78
C THR B 228 15.45 10.54 3.30
N GLY B 229 14.65 9.89 2.46
CA GLY B 229 14.73 10.10 1.00
C GLY B 229 14.03 11.32 0.45
N VAL B 230 14.14 11.53 -0.85
CA VAL B 230 13.51 12.67 -1.60
C VAL B 230 13.98 14.04 -1.11
N GLY B 231 15.27 14.16 -0.76
CA GLY B 231 15.86 15.46 -0.44
C GLY B 231 15.85 15.94 0.99
N ARG B 232 15.23 15.21 1.91
CA ARG B 232 15.09 15.66 3.32
C ARG B 232 16.44 15.91 4.01
N THR B 233 17.47 15.12 3.75
CA THR B 233 18.76 15.22 4.48
C THR B 233 19.77 16.13 3.76
N GLY B 234 19.37 16.80 2.68
CA GLY B 234 20.23 17.75 1.94
C GLY B 234 20.95 17.11 0.74
N ASP B 235 20.97 15.78 0.65
CA ASP B 235 21.28 14.95 -0.55
C ASP B 235 19.98 14.27 -0.97
N PHE B 236 19.85 13.77 -2.20
CA PHE B 236 18.60 13.11 -2.64
C PHE B 236 18.37 11.86 -1.79
N PHE B 237 19.42 11.06 -1.61
CA PHE B 237 19.41 9.87 -0.74
C PHE B 237 20.40 10.13 0.40
N ALA B 238 20.01 9.92 1.65
CA ALA B 238 20.85 10.20 2.83
C ALA B 238 22.17 9.41 2.72
N HIS B 239 22.14 8.23 2.09
CA HIS B 239 23.31 7.33 1.88
C HIS B 239 24.35 8.02 0.98
N GLN B 240 23.95 8.91 0.09
CA GLN B 240 24.88 9.62 -0.83
C GLN B 240 25.83 10.53 -0.04
N HIS B 241 25.46 10.97 1.16
CA HIS B 241 26.31 11.83 2.01
C HIS B 241 27.57 11.03 2.39
N ASP B 242 27.48 9.71 2.43
CA ASP B 242 28.54 8.82 2.97
C ASP B 242 29.33 8.23 1.80
N GLY B 243 28.87 8.41 0.56
CA GLY B 243 29.61 8.03 -0.66
C GLY B 243 29.54 6.54 -0.96
N VAL B 244 28.52 5.83 -0.47
CA VAL B 244 28.34 4.37 -0.68
C VAL B 244 27.25 4.17 -1.72
N VAL B 245 27.32 3.05 -2.44
CA VAL B 245 26.26 2.58 -3.36
C VAL B 245 25.65 1.32 -2.73
N PRO B 246 24.39 1.37 -2.23
CA PRO B 246 23.71 0.17 -1.76
C PRO B 246 23.23 -0.75 -2.89
N ASP B 247 22.88 -1.98 -2.53
CA ASP B 247 22.25 -2.95 -3.46
C ASP B 247 20.76 -2.64 -3.60
N VAL B 248 20.09 -2.17 -2.54
CA VAL B 248 18.62 -1.93 -2.55
C VAL B 248 18.29 -0.64 -1.80
N VAL B 249 17.43 0.20 -2.39
CA VAL B 249 16.94 1.43 -1.72
C VAL B 249 15.43 1.38 -1.64
N THR B 250 14.85 1.48 -0.45
CA THR B 250 13.37 1.49 -0.27
C THR B 250 12.94 2.93 -0.01
N MET B 251 11.80 3.31 -0.61
CA MET B 251 11.24 4.67 -0.68
C MET B 251 9.72 4.61 -0.55
N ALA B 252 9.18 5.72 -0.05
CA ALA B 252 7.76 6.07 -0.06
C ALA B 252 7.66 7.51 0.45
N LYS B 253 6.89 7.69 1.52
CA LYS B 253 6.60 8.99 2.17
C LYS B 253 6.71 10.20 1.25
N GLY B 254 7.89 10.76 1.15
CA GLY B 254 8.08 12.01 0.38
C GLY B 254 7.92 11.86 -1.13
N LEU B 255 8.12 10.64 -1.67
CA LEU B 255 8.08 10.36 -3.12
C LEU B 255 6.70 10.70 -3.69
N GLY B 256 5.65 10.48 -2.90
CA GLY B 256 4.25 10.66 -3.32
C GLY B 256 3.74 12.10 -3.16
N GLY B 257 4.44 12.95 -2.40
CA GLY B 257 3.96 14.29 -2.00
C GLY B 257 2.48 14.32 -1.62
N GLY B 258 2.06 13.40 -0.74
CA GLY B 258 0.69 13.36 -0.22
C GLY B 258 -0.15 12.25 -0.82
N LEU B 259 0.33 11.58 -1.87
CA LEU B 259 -0.39 10.45 -2.50
C LEU B 259 0.35 9.17 -2.12
N PRO B 260 -0.37 8.05 -1.89
CA PRO B 260 0.26 6.78 -1.57
C PRO B 260 1.13 6.27 -2.73
N ILE B 261 2.35 5.88 -2.41
CA ILE B 261 3.35 5.32 -3.35
C ILE B 261 4.52 4.77 -2.53
N GLY B 262 5.14 3.74 -3.07
CA GLY B 262 6.39 3.16 -2.56
C GLY B 262 7.22 2.63 -3.70
N ALA B 263 8.48 2.35 -3.42
CA ALA B 263 9.41 1.93 -4.47
C ALA B 263 10.60 1.25 -3.80
N CYS B 264 10.97 0.16 -4.45
CA CYS B 264 12.14 -0.65 -4.12
C CYS B 264 13.06 -0.60 -5.34
N LEU B 265 14.14 0.14 -5.22
CA LEU B 265 15.17 0.21 -6.27
C LEU B 265 16.18 -0.89 -5.98
N ALA B 266 16.60 -1.64 -6.99
CA ALA B 266 17.65 -2.65 -6.91
C ALA B 266 18.63 -2.45 -8.05
N THR B 267 19.91 -2.68 -7.79
CA THR B 267 21.03 -2.60 -8.78
C THR B 267 21.74 -3.96 -8.79
N GLY B 268 22.38 -4.32 -9.90
CA GLY B 268 23.20 -5.54 -10.02
C GLY B 268 22.39 -6.79 -9.76
N ARG B 269 22.92 -7.70 -8.93
CA ARG B 269 22.37 -9.06 -8.70
C ARG B 269 20.97 -8.92 -8.09
N ALA B 270 20.81 -8.08 -7.07
CA ALA B 270 19.51 -7.67 -6.48
C ALA B 270 18.44 -7.48 -7.56
N ALA B 271 18.76 -6.74 -8.62
CA ALA B 271 17.80 -6.40 -9.69
C ALA B 271 17.40 -7.66 -10.43
N GLU B 272 18.32 -8.62 -10.56
CA GLU B 272 18.17 -9.84 -11.40
C GLU B 272 17.32 -10.87 -10.65
N LEU B 273 17.37 -10.84 -9.32
CA LEU B 273 16.73 -11.83 -8.41
C LEU B 273 15.21 -11.80 -8.55
N MET B 274 14.66 -10.67 -8.99
CA MET B 274 13.20 -10.51 -9.20
C MET B 274 12.86 -10.80 -10.68
N THR B 275 12.48 -12.04 -10.97
CA THR B 275 12.17 -12.56 -12.33
C THR B 275 10.65 -12.58 -12.52
N PRO B 276 10.12 -12.58 -13.77
CA PRO B 276 8.69 -12.53 -14.03
C PRO B 276 7.82 -13.46 -13.15
N GLY B 277 6.83 -12.88 -12.46
CA GLY B 277 5.86 -13.58 -11.59
C GLY B 277 6.33 -13.72 -10.14
N LYS B 278 7.57 -13.35 -9.79
CA LYS B 278 8.17 -13.59 -8.44
C LYS B 278 7.56 -12.64 -7.39
N HIS B 279 7.15 -11.43 -7.80
CA HIS B 279 6.46 -10.43 -6.93
C HIS B 279 5.48 -9.62 -7.77
N GLY B 280 4.63 -8.81 -7.13
CA GLY B 280 3.59 -8.02 -7.81
C GLY B 280 2.72 -7.27 -6.81
N THR B 281 1.83 -6.43 -7.35
CA THR B 281 0.82 -5.59 -6.64
C THR B 281 -0.05 -4.94 -7.73
N THR B 282 -1.35 -4.83 -7.55
CA THR B 282 -2.26 -4.25 -8.57
C THR B 282 -1.90 -2.77 -8.71
N PHE B 283 -1.86 -2.00 -7.61
CA PHE B 283 -1.81 -0.51 -7.61
C PHE B 283 -0.42 0.01 -7.97
N GLY B 284 0.62 -0.82 -7.83
CA GLY B 284 2.03 -0.50 -8.18
C GLY B 284 2.16 0.13 -9.57
N GLY B 285 2.72 1.34 -9.62
CA GLY B 285 2.85 2.14 -10.84
C GLY B 285 1.57 2.89 -11.16
N ASN B 286 0.71 3.09 -10.16
CA ASN B 286 -0.53 3.93 -10.24
C ASN B 286 -0.22 5.21 -11.01
N PRO B 287 -0.91 5.49 -12.13
CA PRO B 287 -0.65 6.70 -12.89
C PRO B 287 -0.82 8.02 -12.11
N VAL B 288 -1.74 8.07 -11.14
CA VAL B 288 -2.03 9.36 -10.44
C VAL B 288 -0.89 9.61 -9.44
N ALA B 289 -0.58 8.62 -8.63
CA ALA B 289 0.50 8.70 -7.61
C ALA B 289 1.85 9.02 -8.28
N CYS B 290 2.17 8.29 -9.34
CA CYS B 290 3.44 8.47 -10.11
C CYS B 290 3.46 9.88 -10.76
N ALA B 291 2.31 10.39 -11.21
CA ALA B 291 2.19 11.76 -11.76
C ALA B 291 2.59 12.75 -10.67
N ALA B 292 2.12 12.56 -9.43
CA ALA B 292 2.47 13.40 -8.26
C ALA B 292 3.96 13.25 -7.94
N ALA B 293 4.47 12.01 -8.03
CA ALA B 293 5.89 11.69 -7.78
C ALA B 293 6.75 12.46 -8.79
N LYS B 294 6.40 12.41 -10.08
CA LYS B 294 7.11 13.13 -11.17
C LYS B 294 7.22 14.61 -10.76
N ALA B 295 6.12 15.23 -10.36
CA ALA B 295 6.04 16.67 -10.05
C ALA B 295 6.94 17.00 -8.85
N VAL B 296 6.95 16.13 -7.84
CA VAL B 296 7.82 16.24 -6.62
C VAL B 296 9.28 16.24 -7.10
N LEU B 297 9.66 15.22 -7.88
CA LEU B 297 11.06 15.06 -8.38
C LEU B 297 11.48 16.31 -9.17
N SER B 298 10.57 16.95 -9.91
CA SER B 298 10.92 18.12 -10.76
C SER B 298 11.30 19.30 -9.86
N VAL B 299 10.67 19.45 -8.69
CA VAL B 299 10.91 20.60 -7.76
C VAL B 299 12.15 20.31 -6.89
N VAL B 300 12.35 19.05 -6.49
CA VAL B 300 13.46 18.60 -5.61
C VAL B 300 14.67 18.23 -6.48
N ASP B 301 15.30 19.24 -7.11
CA ASP B 301 16.53 19.08 -7.93
C ASP B 301 17.73 19.33 -7.04
N ASP B 302 18.95 19.15 -7.55
CA ASP B 302 20.22 19.32 -6.77
C ASP B 302 20.23 20.66 -6.03
N ALA B 303 19.76 21.74 -6.65
CA ALA B 303 19.75 23.12 -6.09
C ALA B 303 18.83 23.17 -4.86
N PHE B 304 17.65 22.56 -4.97
CA PHE B 304 16.62 22.48 -3.88
C PHE B 304 17.18 21.67 -2.72
N CYS B 305 17.94 20.61 -3.01
CA CYS B 305 18.60 19.73 -2.01
C CYS B 305 19.71 20.51 -1.28
N ALA B 306 20.53 21.27 -2.01
CA ALA B 306 21.55 22.18 -1.43
C ALA B 306 20.86 23.15 -0.48
N GLU B 307 19.67 23.63 -0.87
CA GLU B 307 18.86 24.58 -0.07
C GLU B 307 18.28 23.88 1.16
N VAL B 308 17.94 22.59 1.05
CA VAL B 308 17.43 21.81 2.21
C VAL B 308 18.56 21.73 3.25
N ALA B 309 19.82 21.64 2.81
CA ALA B 309 21.00 21.54 3.69
C ALA B 309 21.20 22.88 4.42
N ARG B 310 21.19 23.99 3.69
CA ARG B 310 21.28 25.38 4.21
C ARG B 310 20.25 25.57 5.32
N LYS B 311 18.98 25.22 5.07
CA LYS B 311 17.85 25.45 6.00
C LYS B 311 18.04 24.58 7.25
N GLY B 312 18.61 23.40 7.08
CA GLY B 312 18.98 22.48 8.18
C GLY B 312 19.99 23.09 9.13
N GLU B 313 21.04 23.70 8.60
CA GLU B 313 22.10 24.33 9.42
C GLU B 313 21.56 25.58 10.14
N LEU B 314 20.60 26.27 9.53
CA LEU B 314 19.96 27.45 10.17
C LEU B 314 19.17 27.00 11.40
N PHE B 315 18.37 25.96 11.28
CA PHE B 315 17.59 25.41 12.42
C PHE B 315 18.55 25.10 13.57
N LYS B 316 19.59 24.31 13.32
CA LYS B 316 20.60 23.98 14.34
C LYS B 316 21.18 25.25 14.98
N GLU B 317 21.52 26.26 14.19
CA GLU B 317 22.13 27.51 14.68
C GLU B 317 21.16 28.29 15.58
N LEU B 318 19.91 28.42 15.17
CA LEU B 318 18.91 29.19 15.95
C LEU B 318 18.51 28.38 17.20
N LEU B 319 18.51 27.05 17.08
CA LEU B 319 18.08 26.15 18.18
C LEU B 319 19.20 25.98 19.22
N ALA B 320 20.46 26.20 18.84
CA ALA B 320 21.62 26.20 19.78
C ALA B 320 21.40 27.30 20.82
N LYS B 321 20.87 28.44 20.39
CA LYS B 321 20.59 29.62 21.25
C LYS B 321 19.22 29.51 21.96
N VAL B 322 18.64 28.32 22.03
CA VAL B 322 17.33 28.15 22.70
C VAL B 322 17.51 27.42 24.02
N ASP B 323 16.99 28.00 25.10
CA ASP B 323 17.12 27.41 26.45
C ASP B 323 16.32 26.12 26.51
N GLY B 324 16.93 25.05 27.01
CA GLY B 324 16.23 23.77 27.15
C GLY B 324 16.77 22.75 26.21
N VAL B 325 17.52 23.23 25.22
CA VAL B 325 18.05 22.31 24.18
C VAL B 325 19.51 22.02 24.43
N VAL B 326 19.81 20.74 24.51
CA VAL B 326 21.21 20.25 24.65
C VAL B 326 21.86 20.20 23.27
N ASP B 327 21.15 19.65 22.29
CA ASP B 327 21.72 19.41 20.95
C ASP B 327 20.65 19.30 19.87
N VAL B 328 21.02 19.56 18.62
CA VAL B 328 20.13 19.31 17.47
C VAL B 328 20.85 18.31 16.57
N ARG B 329 20.39 17.07 16.58
CA ARG B 329 21.04 15.99 15.80
C ARG B 329 20.36 15.85 14.44
N GLY B 330 21.10 15.39 13.44
CA GLY B 330 20.54 15.16 12.12
C GLY B 330 21.11 16.05 11.05
N ARG B 331 20.45 16.11 9.90
CA ARG B 331 20.92 16.87 8.72
C ARG B 331 19.71 17.32 7.92
N GLY B 332 19.87 18.31 7.05
CA GLY B 332 18.76 18.88 6.28
C GLY B 332 17.55 19.11 7.17
N LEU B 333 16.40 18.57 6.77
CA LEU B 333 15.11 18.80 7.47
C LEU B 333 14.60 17.48 8.06
N MET B 334 15.55 16.65 8.48
CA MET B 334 15.29 15.57 9.45
C MET B 334 16.15 15.83 10.69
N LEU B 335 15.54 16.37 11.74
CA LEU B 335 16.26 16.94 12.91
C LEU B 335 15.66 16.39 14.19
N GLY B 336 16.54 15.98 15.12
CA GLY B 336 16.21 15.54 16.50
C GLY B 336 16.66 16.56 17.54
N VAL B 337 15.71 17.18 18.24
CA VAL B 337 15.96 18.29 19.20
C VAL B 337 16.05 17.66 20.59
N VAL B 338 17.27 17.46 21.10
CA VAL B 338 17.49 16.84 22.44
C VAL B 338 17.23 17.90 23.51
N LEU B 339 16.40 17.55 24.50
CA LEU B 339 16.07 18.43 25.65
C LEU B 339 16.82 17.95 26.90
N GLU B 340 17.03 18.87 27.86
CA GLU B 340 17.64 18.59 29.19
C GLU B 340 16.63 17.86 30.07
N ARG B 341 15.35 18.12 29.87
CA ARG B 341 14.22 17.48 30.62
C ARG B 341 13.52 16.50 29.69
N ASP B 342 12.76 15.56 30.26
CA ASP B 342 11.96 14.59 29.50
C ASP B 342 10.58 15.23 29.28
N VAL B 343 10.53 16.31 28.49
CA VAL B 343 9.37 17.25 28.33
C VAL B 343 8.95 17.39 26.85
N ALA B 344 9.45 16.51 25.97
CA ALA B 344 9.12 16.47 24.53
C ALA B 344 7.60 16.30 24.31
N LYS B 345 6.98 15.25 24.84
CA LYS B 345 5.51 14.99 24.73
C LYS B 345 4.70 16.21 25.21
N GLN B 346 5.10 16.81 26.34
CA GLN B 346 4.44 18.03 26.89
C GLN B 346 4.57 19.13 25.84
N ALA B 347 5.72 19.23 25.18
CA ALA B 347 6.04 20.34 24.25
C ALA B 347 5.13 20.25 23.02
N VAL B 348 4.79 19.03 22.59
CA VAL B 348 3.88 18.76 21.45
C VAL B 348 2.50 19.34 21.78
N LEU B 349 1.91 19.00 22.92
CA LEU B 349 0.54 19.46 23.28
C LEU B 349 0.54 20.98 23.42
N ASP B 350 1.53 21.56 24.10
CA ASP B 350 1.62 23.03 24.28
C ASP B 350 1.92 23.69 22.92
N GLY B 351 2.61 22.99 22.02
CA GLY B 351 3.00 23.53 20.71
C GLY B 351 1.80 24.09 19.97
N PHE B 352 0.71 23.32 19.97
CA PHE B 352 -0.58 23.66 19.29
C PHE B 352 -0.97 25.10 19.66
N LYS B 353 -0.96 25.43 20.96
CA LYS B 353 -1.30 26.76 21.54
C LYS B 353 -0.39 27.85 20.96
N HIS B 354 0.84 27.50 20.57
CA HIS B 354 1.86 28.44 20.06
C HIS B 354 2.01 28.33 18.53
N GLY B 355 1.05 27.70 17.85
CA GLY B 355 0.91 27.75 16.38
C GLY B 355 1.92 26.87 15.64
N VAL B 356 2.31 25.74 16.25
CA VAL B 356 3.29 24.76 15.69
C VAL B 356 2.78 23.33 15.90
N ILE B 357 2.98 22.51 14.88
CA ILE B 357 2.86 21.03 14.95
C ILE B 357 4.27 20.45 15.10
N LEU B 358 4.53 19.93 16.29
CA LEU B 358 5.76 19.22 16.67
C LEU B 358 5.40 17.76 16.79
N ASN B 359 6.39 16.93 17.09
CA ASN B 359 6.23 15.47 17.23
C ASN B 359 7.35 15.00 18.13
N ALA B 360 7.07 14.05 19.03
CA ALA B 360 7.94 13.55 20.12
C ALA B 360 8.05 12.03 20.01
N PRO B 361 9.05 11.53 19.26
CA PRO B 361 9.24 10.10 19.08
C PRO B 361 9.87 9.45 20.32
N ALA B 362 10.44 10.28 21.19
CA ALA B 362 10.98 9.88 22.51
C ALA B 362 10.67 10.96 23.56
N ASP B 363 11.01 10.69 24.81
CA ASP B 363 10.57 11.46 26.00
C ASP B 363 11.36 12.75 26.08
N ASN B 364 12.55 12.79 25.47
CA ASN B 364 13.45 13.97 25.50
C ASN B 364 13.89 14.40 24.09
N ILE B 365 13.18 13.98 23.04
CA ILE B 365 13.51 14.36 21.63
C ILE B 365 12.26 14.88 20.94
N ILE B 366 12.34 16.09 20.42
CA ILE B 366 11.38 16.65 19.45
C ILE B 366 11.99 16.41 18.06
N ARG B 367 11.28 15.69 17.20
CA ARG B 367 11.73 15.44 15.80
C ARG B 367 11.09 16.47 14.85
N LEU B 368 11.91 17.18 14.07
CA LEU B 368 11.42 18.18 13.07
C LEU B 368 11.56 17.58 11.67
N THR B 369 10.43 17.39 10.97
CA THR B 369 10.34 16.96 9.56
C THR B 369 9.30 17.83 8.85
N PRO B 370 9.59 19.14 8.68
CA PRO B 370 8.70 20.04 7.93
C PRO B 370 8.71 19.84 6.41
N PRO B 371 7.70 20.33 5.67
CA PRO B 371 7.81 20.33 4.21
C PRO B 371 9.11 21.03 3.84
N LEU B 372 9.79 20.52 2.82
CA LEU B 372 11.14 21.00 2.45
C LEU B 372 11.06 22.42 1.89
N VAL B 373 9.85 22.95 1.79
CA VAL B 373 9.51 24.21 1.09
C VAL B 373 9.37 25.33 2.13
N ILE B 374 9.49 24.97 3.43
CA ILE B 374 9.56 25.94 4.57
C ILE B 374 10.56 27.04 4.20
N THR B 375 10.25 28.32 4.47
CA THR B 375 11.17 29.46 4.17
C THR B 375 12.04 29.80 5.38
N ASP B 376 13.18 30.44 5.15
CA ASP B 376 14.08 30.93 6.22
C ASP B 376 13.25 31.62 7.30
N GLU B 377 12.23 32.41 6.91
CA GLU B 377 11.46 33.30 7.82
C GLU B 377 10.55 32.41 8.69
N GLU B 378 9.93 31.37 8.11
CA GLU B 378 9.05 30.39 8.82
C GLU B 378 9.88 29.55 9.80
N ILE B 379 11.11 29.18 9.43
CA ILE B 379 12.05 28.47 10.35
C ILE B 379 12.22 29.32 11.62
N ALA B 380 12.50 30.62 11.45
CA ALA B 380 12.77 31.59 12.52
C ALA B 380 11.58 31.68 13.47
N ASP B 381 10.37 31.75 12.93
CA ASP B 381 9.10 31.80 13.72
C ASP B 381 8.86 30.45 14.39
N ALA B 382 9.17 29.33 13.70
CA ALA B 382 9.06 27.95 14.24
C ALA B 382 9.96 27.78 15.48
N VAL B 383 11.18 28.30 15.44
CA VAL B 383 12.16 28.20 16.57
C VAL B 383 11.64 29.03 17.74
N LYS B 384 11.34 30.30 17.48
CA LYS B 384 10.70 31.22 18.47
C LYS B 384 9.55 30.49 19.17
N ALA B 385 8.64 29.85 18.43
CA ALA B 385 7.51 29.06 18.99
C ALA B 385 8.01 27.89 19.86
N ILE B 386 9.05 27.18 19.41
CA ILE B 386 9.65 26.05 20.18
C ILE B 386 10.24 26.61 21.48
N ALA B 387 11.08 27.64 21.40
CA ALA B 387 11.69 28.32 22.58
C ALA B 387 10.60 28.73 23.56
N GLU B 388 9.52 29.38 23.09
CA GLU B 388 8.45 29.90 23.99
C GLU B 388 7.67 28.68 24.52
N THR B 389 7.51 27.63 23.71
CA THR B 389 6.82 26.37 24.12
C THR B 389 7.56 25.71 25.29
N ILE B 390 8.87 25.53 25.19
CA ILE B 390 9.66 24.83 26.26
C ILE B 390 9.83 25.80 27.43
N ALA B 391 9.98 27.11 27.15
CA ALA B 391 10.05 28.22 28.12
C ALA B 391 8.75 28.25 28.94
N1 PLP C . -7.07 -10.54 -2.67
C2 PLP C . -7.69 -10.64 -3.84
C2A PLP C . -8.92 -11.49 -3.95
C3 PLP C . -7.20 -9.98 -4.96
O3 PLP C . -7.87 -10.13 -6.12
C4 PLP C . -6.04 -9.19 -4.83
C4A PLP C . -5.53 -8.50 -6.02
C5 PLP C . -5.43 -9.09 -3.58
C6 PLP C . -5.97 -9.78 -2.54
C5A PLP C . -4.18 -8.28 -3.36
O4P PLP C . -4.40 -6.86 -3.59
P PLP C . -3.17 -5.96 -4.04
O1P PLP C . -2.65 -6.58 -5.27
O2P PLP C . -2.18 -6.04 -2.93
O3P PLP C . -3.70 -4.58 -4.24
N1 PLP D . 10.55 2.79 7.04
C2 PLP D . 10.78 4.01 7.54
C2A PLP D . 12.19 4.41 7.82
C3 PLP D . 9.72 4.91 7.79
O3 PLP D . 10.02 6.14 8.28
C4 PLP D . 8.39 4.50 7.50
C4A PLP D . 7.32 5.48 7.71
C5 PLP D . 8.20 3.20 6.97
C6 PLP D . 9.29 2.40 6.80
C5A PLP D . 6.83 2.60 6.71
O4P PLP D . 6.05 3.27 5.69
P PLP D . 4.44 3.12 5.65
O1P PLP D . 4.10 3.97 4.44
O2P PLP D . 4.12 1.62 5.46
O3P PLP D . 3.90 3.67 6.96
#